data_5W3O
#
_entry.id   5W3O
#
_cell.length_a   1
_cell.length_b   1
_cell.length_c   1
_cell.angle_alpha   90
_cell.angle_beta   90
_cell.angle_gamma   90
#
_symmetry.space_group_name_H-M   'P 1'
#
loop_
_entity.id
_entity.type
_entity.pdbx_description
1 polymer 'C5 antibody variable heavy domain'
2 polymer 'C5 antibody variable light domain'
3 polymer 'viral protein 1'
4 polymer 'viral protein 3'
5 polymer 'viral protein 2'
#
loop_
_entity_poly.entity_id
_entity_poly.type
_entity_poly.pdbx_seq_one_letter_code
_entity_poly.pdbx_strand_id
1 'polypeptide(L)'
;AVQLAESGPALVAPSQALSITCTVAGFSLTAYGVAWVRQPPGAGLEWLGAIWAAGATDYNAALKSRASIAKDNSKSQVFL
AMASLATADTAAYYCAREWDAYGDYWGQGTTVTVSA
;
D
2 'polypeptide(L)'
;DIVLTQSPAALSAAAGATVAATCRASGNIHNALAWYQQKAGKSPQLLVYAAAALAAGVPSRFSGSGSGTAYALAINSLAA
DDFGAYYCQHFWSTPYTFGGGTKLEIK
;
E
3 'polypeptide(L)'
;GLGDELEEVIVEKTKQTVASISSGPKHTQKVPILTANETGATMPVLPSDSIETRTTYMHFNGSETDVECFLGRAACVHVT
EIQNKDATGIDNHREAKLFNDWKINLSSLVQLRKKLELFTYVRFDSEYTILATASQPDSANYSSNLVVQAMYVPPGAPNP
KEWDDYTWQSASNPSVFFKVGDTSRFSVPYVGLASAYNCFYDGYSHDDAETQYGITVLNHMGSMAFRIVNEHDEHKTLVK
IRVYHRAKHVEAWIPRAPRALPYTSIGRTNYPKNTEPVIKKRKGDIKSY
;
A
4 'polypeptide(L)'
;GLPTTTLPGSGQFLTTDDRQSPSALPNYEPTPRIHIPGKVHNLLEIIQVDTLIPMNNTHTKDEVNSYLIPLNANRQNEQV
FGTNLFIGDGVFKTTLLGEIVQYYTHWSGSLRFSLMYTGPALSSAKLILAYTPPGARGPQDRREAMLGTHVVWDIGLQST
IVMTIPWTSGVQFRYTDPDTYTSAGFLSCWYQTSLILPPETTGQVYLLSFISACPDFKLRLMKDTQTISQTVALTE
;
B
5 'polypeptide(L)'
;SPNVEACGYSDRVQQITLGNSTITTQEAANAVVCYAEWPEYLPDVDASDVNKTSKPDTSVCRFYTLDSKTWTTGSKGWCW
KLPDALKDMGVFGQNMFFHSLGRSGYTVHVQCNATKFHSGCLLVVVIPEHQLASHEGGNVSVKYTFTHPGERGIDLSSAN
EVGGPVKDVIYNMNGTLLGNLLIFPHQFINLRTNNTATIVIPYINSVPIDSMTRHNNVSLMVIPIAPLTVPTGATPSLPI
TVTIAPMCTEFSGIRSKSIVPQ
;
C
#
# COMPACT_ATOMS: atom_id res chain seq x y z
N ALA A 1 9.51 33.34 -5.73
CA ALA A 1 8.14 33.13 -6.19
C ALA A 1 8.10 32.82 -7.68
N VAL A 2 7.22 31.91 -8.07
CA VAL A 2 7.13 31.43 -9.44
C VAL A 2 6.15 32.33 -10.19
N GLN A 3 6.68 33.21 -11.04
CA GLN A 3 5.89 34.15 -11.82
C GLN A 3 6.40 34.17 -13.25
N LEU A 4 5.48 34.32 -14.19
CA LEU A 4 5.81 34.34 -15.62
C LEU A 4 5.14 35.56 -16.24
N ALA A 5 5.88 36.66 -16.33
CA ALA A 5 5.31 37.91 -16.83
C ALA A 5 5.24 37.85 -18.35
N GLU A 6 4.02 37.86 -18.89
CA GLU A 6 3.84 37.95 -20.32
C GLU A 6 4.17 39.36 -20.81
N SER A 7 4.64 39.44 -22.04
CA SER A 7 4.96 40.73 -22.65
C SER A 7 4.79 40.61 -24.15
N GLY A 8 3.99 41.49 -24.74
CA GLY A 8 3.74 41.48 -26.16
C GLY A 8 3.48 42.86 -26.70
N PRO A 9 3.59 43.03 -28.02
CA PRO A 9 3.37 44.35 -28.63
C PRO A 9 1.91 44.75 -28.69
N ALA A 10 1.02 43.74 -28.83
CA ALA A 10 -0.43 43.81 -28.69
C ALA A 10 -1.14 44.64 -29.77
N LEU A 11 -0.39 45.23 -30.70
CA LEU A 11 -0.95 46.01 -31.81
C LEU A 11 -0.20 45.56 -33.06
N VAL A 12 -0.70 44.50 -33.71
CA VAL A 12 0.00 43.87 -34.83
C VAL A 12 -0.99 43.76 -36.00
N ALA A 13 -0.56 44.21 -37.18
CA ALA A 13 -1.35 44.02 -38.38
C ALA A 13 -1.31 42.54 -38.81
N PRO A 14 -2.35 42.05 -39.47
CA PRO A 14 -2.35 40.64 -39.90
C PRO A 14 -1.36 40.37 -41.03
N SER A 15 -1.20 39.07 -41.31
CA SER A 15 -0.15 38.52 -42.20
C SER A 15 1.24 38.98 -41.77
N GLN A 16 1.49 38.95 -40.48
CA GLN A 16 2.76 39.38 -39.91
C GLN A 16 3.19 38.34 -38.87
N ALA A 17 4.19 38.70 -38.06
CA ALA A 17 4.72 37.82 -37.03
C ALA A 17 4.38 38.35 -35.64
N LEU A 18 4.65 37.52 -34.63
CA LEU A 18 4.44 37.89 -33.24
C LEU A 18 5.73 37.64 -32.45
N SER A 19 6.04 38.56 -31.54
CA SER A 19 7.21 38.49 -30.68
C SER A 19 6.79 38.58 -29.23
N ILE A 20 5.81 37.77 -28.87
CA ILE A 20 5.16 37.84 -27.56
C ILE A 20 5.88 36.88 -26.62
N THR A 21 6.52 37.44 -25.59
CA THR A 21 7.50 36.73 -24.79
C THR A 21 6.99 36.52 -23.37
N CYS A 22 7.76 35.76 -22.60
CA CYS A 22 7.50 35.55 -21.18
C CYS A 22 8.84 35.51 -20.45
N THR A 23 9.12 36.54 -19.67
CA THR A 23 10.27 36.50 -18.79
C THR A 23 9.95 35.60 -17.60
N VAL A 24 10.91 34.75 -17.25
CA VAL A 24 10.76 33.74 -16.22
C VAL A 24 11.54 34.19 -15.00
N ALA A 25 10.83 34.42 -13.90
CA ALA A 25 11.43 34.88 -12.66
C ALA A 25 11.04 33.92 -11.55
N GLY A 26 12.03 33.23 -10.99
CA GLY A 26 11.76 32.31 -9.91
C GLY A 26 12.28 30.90 -10.14
N PHE A 27 12.19 30.41 -11.38
CA PHE A 27 12.68 29.08 -11.70
C PHE A 27 13.52 29.15 -12.97
N SER A 28 14.00 28.00 -13.40
CA SER A 28 14.86 27.88 -14.56
C SER A 28 14.15 27.11 -15.67
N LEU A 29 14.43 27.50 -16.91
CA LEU A 29 13.85 26.83 -18.06
C LEU A 29 14.51 25.49 -18.37
N THR A 30 15.63 25.19 -17.73
CA THR A 30 16.28 23.90 -17.91
C THR A 30 15.65 22.82 -17.05
N ALA A 31 14.94 23.20 -15.99
CA ALA A 31 14.32 22.24 -15.09
C ALA A 31 12.81 22.18 -15.22
N TYR A 32 12.18 23.15 -15.89
CA TYR A 32 10.74 23.13 -16.09
C TYR A 32 10.41 23.63 -17.48
N GLY A 33 9.28 23.18 -18.00
CA GLY A 33 8.78 23.64 -19.28
C GLY A 33 7.67 24.66 -19.11
N VAL A 34 7.33 25.30 -20.23
CA VAL A 34 6.37 26.40 -20.23
C VAL A 34 5.28 26.12 -21.26
N ALA A 35 4.03 26.14 -20.82
CA ALA A 35 2.88 25.93 -21.70
C ALA A 35 2.29 27.27 -22.10
N TRP A 36 1.82 27.34 -23.34
CA TRP A 36 1.18 28.52 -23.91
C TRP A 36 -0.28 28.22 -24.17
N VAL A 37 -1.18 29.05 -23.64
CA VAL A 37 -2.62 28.90 -23.82
C VAL A 37 -3.20 30.28 -24.09
N ARG A 38 -3.95 30.40 -25.19
CA ARG A 38 -4.62 31.64 -25.54
C ARG A 38 -6.12 31.52 -25.31
N GLN A 39 -6.75 32.67 -25.09
CA GLN A 39 -8.20 32.73 -24.93
C GLN A 39 -8.75 33.96 -25.65
N PRO A 40 -9.49 33.79 -26.73
CA PRO A 40 -10.18 34.93 -27.34
C PRO A 40 -11.34 35.37 -26.47
N PRO A 41 -11.75 36.64 -26.56
CA PRO A 41 -12.88 37.10 -25.74
C PRO A 41 -14.19 36.49 -26.20
N GLY A 42 -15.00 36.08 -25.25
CA GLY A 42 -16.23 35.36 -25.53
C GLY A 42 -16.05 33.85 -25.58
N ALA A 43 -15.12 33.39 -26.39
CA ALA A 43 -14.83 31.97 -26.48
C ALA A 43 -13.89 31.53 -25.35
N GLY A 44 -13.61 30.23 -25.30
CA GLY A 44 -12.91 29.64 -24.18
C GLY A 44 -11.42 29.53 -24.39
N LEU A 45 -10.76 28.87 -23.43
CA LEU A 45 -9.33 28.66 -23.48
C LEU A 45 -8.96 27.69 -24.61
N GLU A 46 -7.81 27.95 -25.22
CA GLU A 46 -7.31 27.07 -26.27
C GLU A 46 -5.80 26.91 -26.08
N TRP A 47 -5.35 25.66 -26.04
CA TRP A 47 -3.93 25.36 -25.90
C TRP A 47 -3.20 25.79 -27.17
N LEU A 48 -2.01 26.35 -27.00
CA LEU A 48 -1.16 26.68 -28.13
C LEU A 48 0.02 25.73 -28.26
N GLY A 49 0.72 25.48 -27.17
CA GLY A 49 1.86 24.58 -27.24
C GLY A 49 2.66 24.65 -25.96
N ALA A 50 3.63 23.76 -25.88
CA ALA A 50 4.50 23.66 -24.71
C ALA A 50 5.90 23.33 -25.17
N ILE A 51 6.85 24.19 -24.83
CA ILE A 51 8.26 23.83 -24.93
C ILE A 51 8.64 23.13 -23.64
N TRP A 52 9.36 22.02 -23.76
CA TRP A 52 9.57 21.17 -22.60
C TRP A 52 10.76 21.70 -21.81
N ALA A 53 11.15 20.97 -20.76
CA ALA A 53 12.20 21.46 -19.87
C ALA A 53 13.57 21.37 -20.50
N ALA A 54 13.72 20.62 -21.58
CA ALA A 54 14.96 20.61 -22.34
C ALA A 54 14.62 20.54 -23.83
N GLY A 55 14.44 21.71 -24.43
CA GLY A 55 14.39 21.83 -25.88
C GLY A 55 13.15 21.51 -26.67
N ALA A 56 12.53 20.36 -26.40
CA ALA A 56 11.50 19.82 -27.27
C ALA A 56 10.21 20.62 -27.15
N THR A 57 9.48 20.71 -28.26
CA THR A 57 8.26 21.51 -28.35
C THR A 57 7.12 20.65 -28.87
N ASP A 58 5.91 20.95 -28.40
CA ASP A 58 4.69 20.37 -28.95
C ASP A 58 3.75 21.51 -29.29
N TYR A 59 2.81 21.26 -30.20
CA TYR A 59 1.95 22.30 -30.74
C TYR A 59 0.54 21.75 -30.92
N ASN A 60 -0.38 22.63 -31.30
CA ASN A 60 -1.69 22.20 -31.75
C ASN A 60 -1.61 21.44 -33.06
N ALA A 61 -2.64 20.63 -33.31
CA ALA A 61 -2.70 19.92 -34.58
C ALA A 61 -2.96 20.88 -35.73
N ALA A 62 -3.74 21.93 -35.49
CA ALA A 62 -4.04 22.91 -36.52
C ALA A 62 -3.02 24.05 -36.56
N LEU A 63 -2.11 24.13 -35.59
CA LEU A 63 -1.16 25.24 -35.51
C LEU A 63 0.28 24.76 -35.42
N LYS A 64 0.60 23.61 -36.01
CA LYS A 64 1.99 23.24 -36.18
C LYS A 64 2.70 24.17 -37.15
N SER A 65 1.99 24.62 -38.19
CA SER A 65 2.61 25.43 -39.23
C SER A 65 2.77 26.88 -38.79
N ARG A 66 1.74 27.45 -38.14
CA ARG A 66 1.80 28.86 -37.76
C ARG A 66 2.69 29.08 -36.56
N ALA A 67 2.46 28.33 -35.48
CA ALA A 67 3.14 28.59 -34.21
C ALA A 67 4.54 27.98 -34.20
N SER A 68 5.40 28.60 -33.40
CA SER A 68 6.77 28.12 -33.18
C SER A 68 7.23 28.68 -31.85
N ILE A 69 7.84 27.82 -31.03
CA ILE A 69 8.25 28.20 -29.68
C ILE A 69 9.74 27.90 -29.51
N ALA A 70 10.47 28.89 -28.98
CA ALA A 70 11.85 28.73 -28.58
C ALA A 70 12.02 29.32 -27.19
N LYS A 71 13.22 29.17 -26.62
CA LYS A 71 13.49 29.75 -25.32
C LYS A 71 14.98 30.09 -25.20
N ASP A 72 15.27 31.11 -24.41
CA ASP A 72 16.62 31.40 -23.97
C ASP A 72 16.77 30.93 -22.53
N ASN A 73 17.72 30.02 -22.31
CA ASN A 73 17.87 29.44 -20.98
C ASN A 73 18.62 30.37 -20.03
N SER A 74 19.53 31.18 -20.54
CA SER A 74 20.30 32.07 -19.68
C SER A 74 19.47 33.28 -19.26
N LYS A 75 18.84 33.95 -20.22
CA LYS A 75 18.04 35.13 -19.93
C LYS A 75 16.66 34.80 -19.40
N SER A 76 16.27 33.52 -19.40
CA SER A 76 14.97 33.01 -18.92
C SER A 76 13.80 33.69 -19.63
N GLN A 77 13.80 33.61 -20.96
CA GLN A 77 12.74 34.16 -21.79
C GLN A 77 12.19 33.07 -22.68
N VAL A 78 10.87 32.98 -22.78
CA VAL A 78 10.19 32.01 -23.63
C VAL A 78 9.52 32.76 -24.76
N PHE A 79 9.75 32.32 -26.00
CA PHE A 79 9.35 33.05 -27.19
C PHE A 79 8.22 32.32 -27.91
N LEU A 80 7.16 33.04 -28.22
CA LEU A 80 6.07 32.53 -29.05
C LEU A 80 6.00 33.36 -30.32
N ALA A 81 6.03 32.69 -31.47
CA ALA A 81 5.91 33.34 -32.76
C ALA A 81 4.80 32.67 -33.57
N MET A 82 4.05 33.47 -34.33
CA MET A 82 3.00 32.97 -35.19
C MET A 82 3.11 33.61 -36.57
N ALA A 83 2.79 32.85 -37.60
CA ALA A 83 2.76 33.33 -38.97
C ALA A 83 1.33 33.31 -39.50
N SER A 84 1.10 34.14 -40.52
CA SER A 84 -0.18 34.27 -41.22
C SER A 84 -1.33 34.62 -40.27
N LEU A 85 -1.22 35.79 -39.66
CA LEU A 85 -2.14 36.19 -38.60
C LEU A 85 -3.52 36.52 -39.15
N ALA A 86 -4.54 36.20 -38.36
CA ALA A 86 -5.93 36.44 -38.73
C ALA A 86 -6.61 37.28 -37.66
N THR A 87 -7.90 37.51 -37.84
CA THR A 87 -8.71 38.18 -36.82
C THR A 87 -9.07 37.25 -35.68
N ALA A 88 -8.90 35.93 -35.84
CA ALA A 88 -9.17 34.97 -34.78
C ALA A 88 -8.06 34.89 -33.75
N ASP A 89 -6.94 35.59 -33.96
CA ASP A 89 -5.83 35.57 -33.04
C ASP A 89 -5.93 36.66 -31.97
N THR A 90 -7.04 37.40 -31.93
CA THR A 90 -7.27 38.39 -30.88
C THR A 90 -7.54 37.65 -29.58
N ALA A 91 -6.52 37.54 -28.74
CA ALA A 91 -6.62 36.69 -27.56
C ALA A 91 -5.57 37.11 -26.54
N ALA A 92 -5.88 36.86 -25.27
CA ALA A 92 -4.91 37.04 -24.20
C ALA A 92 -4.02 35.80 -24.16
N TYR A 93 -2.70 36.01 -24.29
CA TYR A 93 -1.77 34.91 -24.36
C TYR A 93 -1.14 34.69 -23.00
N TYR A 94 -1.11 33.44 -22.54
CA TYR A 94 -0.68 33.10 -21.20
C TYR A 94 0.50 32.15 -21.23
N CYS A 95 1.34 32.25 -20.20
CA CYS A 95 2.42 31.31 -19.93
C CYS A 95 2.15 30.59 -18.61
N ALA A 96 2.78 29.44 -18.46
CA ALA A 96 2.59 28.61 -17.28
C ALA A 96 3.89 27.91 -16.95
N ARG A 97 3.94 27.33 -15.75
CA ARG A 97 4.98 26.40 -15.40
C ARG A 97 4.39 25.00 -15.47
N GLU A 98 5.19 24.03 -15.87
CA GLU A 98 4.72 22.66 -15.91
C GLU A 98 4.93 22.03 -14.54
N TRP A 99 3.84 21.91 -13.80
CA TRP A 99 3.82 21.38 -12.45
C TRP A 99 3.17 20.01 -12.52
N ASP A 100 3.97 18.96 -12.32
CA ASP A 100 3.59 17.54 -12.46
C ASP A 100 3.12 17.22 -13.88
N ALA A 101 3.68 17.94 -14.86
CA ALA A 101 3.33 17.99 -16.29
C ALA A 101 1.94 18.57 -16.56
N TYR A 102 1.33 19.23 -15.57
CA TYR A 102 0.10 19.99 -15.75
C TYR A 102 0.48 21.44 -16.03
N GLY A 103 -0.45 22.38 -15.89
CA GLY A 103 -0.10 23.78 -16.04
C GLY A 103 -0.64 24.66 -14.94
N ASP A 104 0.24 25.45 -14.31
CA ASP A 104 -0.21 26.40 -13.30
C ASP A 104 0.70 27.62 -13.33
N TYR A 105 0.55 28.46 -12.31
CA TYR A 105 1.26 29.74 -12.16
C TYR A 105 1.11 30.61 -13.39
N TRP A 106 -0.13 30.71 -13.87
CA TRP A 106 -0.42 31.46 -15.07
C TRP A 106 -0.29 32.95 -14.78
N GLY A 107 0.42 33.66 -15.65
CA GLY A 107 0.50 35.10 -15.55
C GLY A 107 -0.81 35.76 -15.93
N GLN A 108 -0.87 37.08 -15.73
CA GLN A 108 -2.10 37.81 -16.04
C GLN A 108 -2.35 37.90 -17.55
N GLY A 109 -1.32 37.73 -18.37
CA GLY A 109 -1.51 37.60 -19.80
C GLY A 109 -1.67 38.91 -20.52
N THR A 110 -1.05 39.02 -21.70
CA THR A 110 -1.18 40.20 -22.54
C THR A 110 -2.25 39.97 -23.59
N THR A 111 -3.26 40.83 -23.61
CA THR A 111 -4.27 40.78 -24.66
C THR A 111 -3.69 41.35 -25.94
N VAL A 112 -3.62 40.52 -26.97
CA VAL A 112 -2.96 40.88 -28.23
C VAL A 112 -4.02 40.83 -29.32
N THR A 113 -4.44 42.01 -29.79
CA THR A 113 -5.47 42.13 -30.80
C THR A 113 -4.83 42.38 -32.15
N VAL A 114 -5.19 41.58 -33.14
CA VAL A 114 -4.73 41.75 -34.51
C VAL A 114 -5.76 42.59 -35.25
N SER A 115 -5.38 43.80 -35.63
CA SER A 115 -6.31 44.76 -36.21
C SER A 115 -5.68 45.43 -37.43
N ALA A 116 -6.54 46.08 -38.22
CA ALA A 116 -6.09 46.81 -39.40
C ALA A 116 -5.39 48.11 -39.02
N ASP B 1 -6.46 12.65 -32.18
CA ASP B 1 -6.41 13.54 -31.03
C ASP B 1 -7.54 13.22 -30.05
N ILE B 2 -7.33 13.57 -28.79
CA ILE B 2 -8.34 13.38 -27.74
C ILE B 2 -9.12 14.67 -27.60
N VAL B 3 -10.41 14.62 -27.93
CA VAL B 3 -11.27 15.79 -27.95
C VAL B 3 -12.15 15.75 -26.71
N LEU B 4 -12.07 16.82 -25.91
CA LEU B 4 -12.87 16.94 -24.70
C LEU B 4 -14.18 17.66 -24.98
N THR B 5 -15.28 17.03 -24.60
CA THR B 5 -16.61 17.62 -24.71
C THR B 5 -17.11 17.89 -23.29
N GLN B 6 -17.03 19.15 -22.87
CA GLN B 6 -17.40 19.54 -21.51
C GLN B 6 -18.86 19.96 -21.49
N SER B 7 -19.71 19.12 -20.92
CA SER B 7 -21.14 19.39 -20.81
C SER B 7 -21.50 19.68 -19.36
N PRO B 8 -22.38 20.65 -19.10
CA PRO B 8 -23.10 21.54 -20.01
C PRO B 8 -22.27 22.74 -20.48
N ALA B 9 -22.94 23.80 -20.92
CA ALA B 9 -22.26 25.04 -21.30
C ALA B 9 -22.32 26.10 -20.21
N ALA B 10 -23.45 26.21 -19.51
CA ALA B 10 -23.61 27.21 -18.47
C ALA B 10 -24.66 26.72 -17.48
N LEU B 11 -24.50 27.13 -16.23
CA LEU B 11 -25.37 26.70 -15.15
C LEU B 11 -25.80 27.89 -14.31
N SER B 12 -27.04 27.84 -13.83
CA SER B 12 -27.56 28.83 -12.91
C SER B 12 -27.84 28.16 -11.57
N ALA B 13 -27.13 28.61 -10.53
CA ALA B 13 -27.28 28.02 -9.20
C ALA B 13 -27.04 29.08 -8.15
N ALA B 14 -27.54 28.83 -6.94
CA ALA B 14 -27.37 29.73 -5.81
C ALA B 14 -26.17 29.30 -4.97
N ALA B 15 -25.74 30.20 -4.08
CA ALA B 15 -24.57 29.94 -3.25
C ALA B 15 -24.89 28.93 -2.16
N GLY B 16 -24.67 27.65 -2.45
CA GLY B 16 -25.02 26.58 -1.54
C GLY B 16 -25.50 25.35 -2.27
N ALA B 17 -25.86 25.50 -3.54
CA ALA B 17 -26.27 24.37 -4.36
C ALA B 17 -25.06 23.56 -4.81
N THR B 18 -25.32 22.36 -5.30
CA THR B 18 -24.28 21.45 -5.75
C THR B 18 -24.13 21.54 -7.26
N VAL B 19 -22.91 21.81 -7.72
CA VAL B 19 -22.59 21.95 -9.13
C VAL B 19 -21.69 20.78 -9.53
N ALA B 20 -22.11 20.02 -10.53
CA ALA B 20 -21.34 18.90 -11.05
C ALA B 20 -21.07 19.14 -12.53
N ALA B 21 -19.97 19.82 -12.83
CA ALA B 21 -19.51 19.92 -14.20
C ALA B 21 -18.95 18.57 -14.65
N THR B 22 -18.98 18.33 -15.96
CA THR B 22 -18.64 17.02 -16.51
C THR B 22 -17.79 17.19 -17.76
N CYS B 23 -16.74 16.40 -17.87
CA CYS B 23 -15.98 16.25 -19.11
C CYS B 23 -15.96 14.80 -19.53
N ARG B 24 -16.07 14.57 -20.83
CA ARG B 24 -16.00 13.24 -21.41
C ARG B 24 -15.08 13.31 -22.62
N ALA B 25 -14.12 12.40 -22.69
CA ALA B 25 -13.12 12.41 -23.74
C ALA B 25 -13.43 11.38 -24.82
N SER B 26 -12.82 11.60 -25.99
CA SER B 26 -12.89 10.61 -27.05
C SER B 26 -12.01 9.41 -26.72
N GLY B 27 -10.72 9.64 -26.52
CA GLY B 27 -9.81 8.62 -26.07
C GLY B 27 -9.84 8.44 -24.57
N ASN B 28 -8.89 7.65 -24.08
CA ASN B 28 -8.77 7.37 -22.66
C ASN B 28 -7.65 8.22 -22.08
N ILE B 29 -8.00 9.08 -21.12
CA ILE B 29 -7.03 9.98 -20.52
C ILE B 29 -6.18 9.28 -19.46
N HIS B 30 -6.68 8.18 -18.88
CA HIS B 30 -6.05 7.47 -17.77
C HIS B 30 -5.80 8.41 -16.58
N ASN B 31 -6.86 9.13 -16.19
CA ASN B 31 -6.91 10.06 -15.05
C ASN B 31 -5.90 11.20 -15.14
N ALA B 32 -5.42 11.55 -16.32
CA ALA B 32 -4.46 12.65 -16.46
C ALA B 32 -5.18 13.93 -16.87
N LEU B 33 -6.14 14.35 -16.05
CA LEU B 33 -7.00 15.48 -16.36
C LEU B 33 -6.77 16.60 -15.34
N ALA B 34 -6.85 17.84 -15.80
CA ALA B 34 -6.77 19.00 -14.93
C ALA B 34 -7.97 19.91 -15.15
N TRP B 35 -8.57 20.36 -14.06
CA TRP B 35 -9.68 21.30 -14.08
C TRP B 35 -9.17 22.70 -13.72
N TYR B 36 -9.75 23.72 -14.37
CA TYR B 36 -9.32 25.10 -14.18
C TYR B 36 -10.52 25.97 -13.82
N GLN B 37 -10.25 27.03 -13.06
CA GLN B 37 -11.23 28.05 -12.74
C GLN B 37 -10.74 29.40 -13.22
N GLN B 38 -11.62 30.16 -13.86
CA GLN B 38 -11.25 31.46 -14.40
C GLN B 38 -12.36 32.46 -14.11
N LYS B 39 -11.95 33.66 -13.69
CA LYS B 39 -12.88 34.77 -13.51
C LYS B 39 -12.80 35.72 -14.70
N ALA B 40 -13.60 36.78 -14.65
CA ALA B 40 -13.71 37.73 -15.76
C ALA B 40 -12.45 38.60 -15.81
N GLY B 41 -11.66 38.43 -16.85
CA GLY B 41 -10.43 39.18 -16.98
C GLY B 41 -9.32 38.76 -16.04
N LYS B 42 -9.43 37.58 -15.44
CA LYS B 42 -8.40 37.04 -14.58
C LYS B 42 -7.80 35.79 -15.21
N SER B 43 -6.62 35.43 -14.72
CA SER B 43 -5.92 34.26 -15.23
C SER B 43 -6.62 32.98 -14.75
N PRO B 44 -6.54 31.90 -15.53
CA PRO B 44 -7.06 30.62 -15.03
C PRO B 44 -6.19 30.06 -13.93
N GLN B 45 -6.83 29.50 -12.91
CA GLN B 45 -6.13 28.91 -11.78
C GLN B 45 -6.49 27.44 -11.69
N LEU B 46 -5.53 26.64 -11.22
CA LEU B 46 -5.68 25.19 -11.22
C LEU B 46 -6.38 24.73 -9.95
N LEU B 47 -7.48 23.99 -10.11
CA LEU B 47 -8.23 23.47 -8.99
C LEU B 47 -7.90 22.01 -8.71
N VAL B 48 -8.11 21.15 -9.68
CA VAL B 48 -7.94 19.71 -9.55
C VAL B 48 -6.93 19.28 -10.59
N TYR B 49 -5.92 18.51 -10.18
CA TYR B 49 -5.05 17.83 -11.10
C TYR B 49 -5.20 16.33 -10.85
N ALA B 50 -4.83 15.55 -11.87
CA ALA B 50 -4.91 14.08 -11.88
C ALA B 50 -6.33 13.57 -11.65
N ALA B 51 -7.33 14.38 -11.98
CA ALA B 51 -8.77 14.10 -11.97
C ALA B 51 -9.37 13.84 -10.60
N ALA B 52 -8.54 13.76 -9.56
CA ALA B 52 -9.02 13.63 -8.19
C ALA B 52 -8.28 14.49 -7.19
N ALA B 53 -7.06 14.91 -7.47
CA ALA B 53 -6.20 15.55 -6.48
C ALA B 53 -6.39 17.06 -6.53
N LEU B 54 -6.83 17.64 -5.41
CA LEU B 54 -6.98 19.08 -5.31
C LEU B 54 -5.61 19.75 -5.29
N ALA B 55 -5.49 20.85 -6.01
CA ALA B 55 -4.21 21.55 -6.12
C ALA B 55 -3.95 22.38 -4.86
N ALA B 56 -2.81 23.06 -4.85
CA ALA B 56 -2.44 23.90 -3.72
C ALA B 56 -3.29 25.16 -3.67
N GLY B 57 -3.79 25.50 -2.49
CA GLY B 57 -4.63 26.67 -2.34
C GLY B 57 -6.04 26.47 -2.83
N VAL B 58 -6.53 25.24 -2.80
CA VAL B 58 -7.88 24.90 -3.26
C VAL B 58 -8.68 24.44 -2.06
N PRO B 59 -9.89 24.99 -1.83
CA PRO B 59 -10.70 24.54 -0.70
C PRO B 59 -11.27 23.15 -0.93
N SER B 60 -11.80 22.56 0.15
CA SER B 60 -12.35 21.22 0.13
C SER B 60 -13.78 21.17 -0.39
N ARG B 61 -14.32 22.31 -0.84
CA ARG B 61 -15.62 22.30 -1.52
C ARG B 61 -15.52 21.61 -2.87
N PHE B 62 -14.38 21.76 -3.55
CA PHE B 62 -14.17 21.12 -4.84
C PHE B 62 -13.81 19.66 -4.64
N SER B 63 -14.22 18.83 -5.59
CA SER B 63 -13.95 17.39 -5.50
C SER B 63 -13.97 16.83 -6.91
N GLY B 64 -12.80 16.47 -7.43
CA GLY B 64 -12.74 15.80 -8.71
C GLY B 64 -12.98 14.31 -8.56
N SER B 65 -13.70 13.75 -9.51
CA SER B 65 -14.03 12.33 -9.51
C SER B 65 -13.91 11.82 -10.94
N GLY B 66 -14.42 10.62 -11.16
CA GLY B 66 -14.43 10.07 -12.51
C GLY B 66 -13.13 9.40 -12.90
N SER B 67 -13.21 8.41 -13.78
CA SER B 67 -12.05 7.69 -14.24
C SER B 67 -12.26 7.31 -15.71
N GLY B 68 -11.15 7.21 -16.44
CA GLY B 68 -11.23 6.76 -17.81
C GLY B 68 -11.49 7.87 -18.81
N THR B 69 -12.73 7.97 -19.28
CA THR B 69 -13.14 9.01 -20.21
C THR B 69 -14.02 10.06 -19.58
N ALA B 70 -14.99 9.66 -18.75
CA ALA B 70 -15.91 10.59 -18.11
C ALA B 70 -15.35 11.03 -16.76
N TYR B 71 -15.38 12.34 -16.51
CA TYR B 71 -14.84 12.92 -15.29
C TYR B 71 -15.80 13.98 -14.80
N ALA B 72 -16.17 13.91 -13.53
CA ALA B 72 -17.07 14.89 -12.93
C ALA B 72 -16.28 15.82 -12.02
N LEU B 73 -16.71 17.08 -11.96
CA LEU B 73 -16.21 18.06 -11.00
C LEU B 73 -17.37 18.45 -10.10
N ALA B 74 -17.53 17.74 -8.99
CA ALA B 74 -18.59 18.06 -8.05
C ALA B 74 -18.13 19.17 -7.12
N ILE B 75 -18.92 20.23 -7.04
CA ILE B 75 -18.68 21.34 -6.12
C ILE B 75 -19.83 21.36 -5.14
N ASN B 76 -19.51 21.32 -3.84
CA ASN B 76 -20.51 21.22 -2.79
C ASN B 76 -20.53 22.50 -1.97
N SER B 77 -21.74 23.06 -1.78
CA SER B 77 -22.01 24.23 -0.94
C SER B 77 -21.22 25.44 -1.42
N LEU B 78 -21.62 25.93 -2.61
CA LEU B 78 -20.99 27.05 -3.30
C LEU B 78 -20.88 28.29 -2.42
N ALA B 79 -19.83 29.06 -2.67
CA ALA B 79 -19.62 30.36 -2.04
C ALA B 79 -19.75 31.46 -3.09
N ALA B 80 -19.47 32.69 -2.69
CA ALA B 80 -19.59 33.82 -3.60
C ALA B 80 -18.40 33.93 -4.54
N ASP B 81 -17.23 33.44 -4.12
CA ASP B 81 -16.03 33.50 -4.95
C ASP B 81 -16.01 32.44 -6.04
N ASP B 82 -16.90 31.45 -5.99
CA ASP B 82 -16.80 30.27 -6.83
C ASP B 82 -17.63 30.38 -8.11
N PHE B 83 -17.81 31.58 -8.65
CA PHE B 83 -18.52 31.76 -9.90
C PHE B 83 -17.53 32.10 -11.00
N GLY B 84 -17.61 31.37 -12.11
CA GLY B 84 -16.71 31.59 -13.21
C GLY B 84 -16.77 30.44 -14.20
N ALA B 85 -15.91 30.53 -15.21
CA ALA B 85 -15.85 29.54 -16.27
C ALA B 85 -14.87 28.43 -15.89
N TYR B 86 -15.30 27.18 -16.11
CA TYR B 86 -14.53 26.02 -15.69
C TYR B 86 -14.15 25.20 -16.92
N TYR B 87 -12.86 24.93 -17.07
CA TYR B 87 -12.33 24.25 -18.25
C TYR B 87 -11.54 23.02 -17.84
N CYS B 88 -11.82 21.89 -18.47
CA CYS B 88 -10.93 20.75 -18.39
C CYS B 88 -9.71 20.97 -19.26
N GLN B 89 -8.66 20.21 -18.97
CA GLN B 89 -7.57 20.03 -19.93
C GLN B 89 -6.94 18.69 -19.63
N HIS B 90 -6.85 17.83 -20.64
CA HIS B 90 -6.15 16.57 -20.45
C HIS B 90 -4.68 16.76 -20.77
N PHE B 91 -3.84 15.99 -20.10
CA PHE B 91 -2.40 16.09 -20.19
C PHE B 91 -1.80 14.74 -20.50
N TRP B 92 -2.37 14.06 -21.49
CA TRP B 92 -2.02 12.67 -21.75
C TRP B 92 -1.12 12.49 -22.96
N SER B 93 -1.46 13.07 -24.12
CA SER B 93 -0.88 12.57 -25.37
C SER B 93 -0.31 13.62 -26.31
N THR B 94 -0.33 14.94 -25.96
CA THR B 94 0.26 16.03 -26.75
C THR B 94 -0.44 15.86 -28.10
N PRO B 95 -1.40 16.72 -28.48
CA PRO B 95 -1.95 17.96 -27.92
C PRO B 95 -2.75 17.86 -26.63
N TYR B 96 -2.68 18.94 -25.84
CA TYR B 96 -3.35 19.04 -24.56
C TYR B 96 -4.60 19.90 -24.70
N THR B 97 -5.63 19.32 -25.32
CA THR B 97 -6.82 20.09 -25.66
C THR B 97 -7.66 20.40 -24.42
N PHE B 98 -8.40 21.51 -24.51
CA PHE B 98 -9.33 21.92 -23.48
C PHE B 98 -10.72 21.36 -23.76
N GLY B 99 -11.64 21.59 -22.82
CA GLY B 99 -13.04 21.36 -23.04
C GLY B 99 -13.75 22.62 -23.49
N GLY B 100 -15.08 22.53 -23.54
CA GLY B 100 -15.87 23.68 -23.95
C GLY B 100 -15.92 24.75 -22.89
N GLY B 101 -16.37 24.40 -21.69
CA GLY B 101 -16.46 25.34 -20.60
C GLY B 101 -17.82 25.38 -19.94
N THR B 102 -17.85 25.46 -18.61
CA THR B 102 -19.09 25.62 -17.85
C THR B 102 -19.00 26.91 -17.05
N LYS B 103 -19.90 27.84 -17.32
CA LYS B 103 -19.98 29.08 -16.57
C LYS B 103 -21.05 28.95 -15.49
N LEU B 104 -20.86 29.66 -14.38
CA LEU B 104 -21.81 29.67 -13.28
C LEU B 104 -22.41 31.05 -13.14
N GLU B 105 -23.74 31.10 -13.03
CA GLU B 105 -24.47 32.33 -12.80
C GLU B 105 -25.41 32.13 -11.61
N ILE B 106 -25.86 33.22 -11.04
CA ILE B 106 -26.72 33.19 -9.87
C ILE B 106 -28.17 33.18 -10.34
N LYS B 107 -29.00 32.34 -9.71
CA LYS B 107 -30.43 32.29 -9.97
C LYS B 107 -31.12 33.62 -9.63
N ASN C 61 26.70 -10.68 13.16
CA ASN C 61 26.70 -9.38 12.50
C ASN C 61 25.30 -8.77 12.45
N GLY C 62 24.29 -9.62 12.44
CA GLY C 62 22.92 -9.17 12.33
C GLY C 62 22.04 -9.77 13.40
N SER C 63 22.56 -9.89 14.61
CA SER C 63 21.86 -10.55 15.70
C SER C 63 20.76 -9.70 16.31
N GLU C 64 20.64 -8.43 15.95
CA GLU C 64 19.51 -7.65 16.41
C GLU C 64 18.30 -7.85 15.51
N THR C 65 18.52 -8.33 14.30
CA THR C 65 17.47 -8.50 13.31
C THR C 65 16.86 -9.89 13.37
N ASP C 66 17.33 -10.74 14.28
CA ASP C 66 16.70 -12.03 14.47
C ASP C 66 15.30 -11.85 15.05
N VAL C 67 14.40 -12.76 14.69
CA VAL C 67 13.04 -12.66 15.21
C VAL C 67 12.99 -13.09 16.67
N GLU C 68 14.00 -13.80 17.14
CA GLU C 68 14.18 -14.03 18.57
C GLU C 68 14.47 -12.72 19.31
N CYS C 69 15.08 -11.76 18.62
CA CYS C 69 15.46 -10.49 19.23
C CYS C 69 14.56 -9.34 18.82
N PHE C 70 14.02 -9.37 17.60
CA PHE C 70 13.09 -8.34 17.15
C PHE C 70 11.74 -8.46 17.84
N LEU C 71 11.19 -9.67 17.91
CA LEU C 71 9.93 -9.91 18.61
C LEU C 71 10.12 -10.25 20.08
N GLY C 72 11.31 -10.65 20.49
CA GLY C 72 11.52 -11.11 21.84
C GLY C 72 12.05 -10.10 22.82
N ARG C 73 11.26 -9.08 23.13
CA ARG C 73 11.65 -8.10 24.13
C ARG C 73 10.44 -7.68 24.95
N ALA C 74 10.69 -7.44 26.24
CA ALA C 74 9.63 -7.22 27.21
C ALA C 74 8.95 -5.89 26.96
N ALA C 75 7.71 -5.96 26.50
CA ALA C 75 6.87 -4.79 26.33
C ALA C 75 5.79 -4.75 27.40
N CYS C 76 5.21 -3.57 27.58
CA CYS C 76 4.13 -3.39 28.53
C CYS C 76 2.81 -3.73 27.86
N VAL C 77 2.25 -4.89 28.18
CA VAL C 77 1.04 -5.35 27.51
C VAL C 77 -0.23 -4.99 28.26
N HIS C 78 -0.16 -4.73 29.56
CA HIS C 78 -1.36 -4.46 30.33
C HIS C 78 -1.01 -3.65 31.57
N VAL C 79 -1.80 -2.60 31.80
CA VAL C 79 -1.73 -1.83 33.04
C VAL C 79 -3.14 -1.80 33.60
N THR C 80 -3.34 -2.45 34.74
CA THR C 80 -4.62 -2.44 35.43
C THR C 80 -4.47 -1.76 36.77
N GLU C 81 -5.58 -1.65 37.50
CA GLU C 81 -5.57 -1.00 38.79
C GLU C 81 -6.65 -1.62 39.65
N ILE C 82 -6.23 -2.29 40.72
CA ILE C 82 -7.14 -2.90 41.68
C ILE C 82 -7.02 -2.16 43.01
N GLN C 83 -8.02 -2.32 43.85
CA GLN C 83 -8.11 -1.60 45.11
C GLN C 83 -8.25 -2.58 46.26
N ASN C 84 -7.71 -2.21 47.41
CA ASN C 84 -7.93 -2.96 48.64
C ASN C 84 -8.93 -2.20 49.49
N LYS C 85 -10.14 -2.74 49.58
CA LYS C 85 -11.18 -2.19 50.42
C LYS C 85 -12.14 -3.33 50.74
N ASP C 86 -13.14 -3.04 51.58
CA ASP C 86 -14.06 -4.07 52.01
C ASP C 86 -15.18 -4.27 50.99
N ALA C 87 -15.66 -5.51 50.91
CA ALA C 87 -16.78 -5.86 50.05
C ALA C 87 -18.13 -5.77 50.76
N THR C 88 -18.18 -5.05 51.88
CA THR C 88 -19.42 -4.90 52.63
C THR C 88 -20.37 -4.00 51.86
N GLY C 89 -21.42 -4.60 51.29
CA GLY C 89 -22.36 -3.83 50.51
C GLY C 89 -21.86 -3.45 49.14
N ILE C 90 -20.93 -4.21 48.58
CA ILE C 90 -20.39 -3.95 47.25
C ILE C 90 -21.04 -4.93 46.29
N ASP C 91 -21.75 -4.40 45.29
CA ASP C 91 -22.46 -5.23 44.35
C ASP C 91 -21.52 -5.75 43.25
N ASN C 92 -20.92 -4.84 42.49
CA ASN C 92 -20.07 -5.19 41.37
C ASN C 92 -18.62 -5.16 41.84
N HIS C 93 -17.92 -6.29 41.68
CA HIS C 93 -16.54 -6.41 42.11
C HIS C 93 -15.55 -6.02 41.02
N ARG C 94 -16.03 -5.46 39.92
CA ARG C 94 -15.20 -4.87 38.87
C ARG C 94 -15.32 -3.36 38.80
N GLU C 95 -16.53 -2.83 39.00
CA GLU C 95 -16.71 -1.40 39.13
C GLU C 95 -16.07 -0.87 40.40
N ALA C 96 -16.03 -1.70 41.45
CA ALA C 96 -15.29 -1.38 42.65
C ALA C 96 -13.80 -1.64 42.50
N LYS C 97 -13.40 -2.32 41.42
CA LYS C 97 -12.01 -2.73 41.15
C LYS C 97 -11.45 -3.56 42.29
N LEU C 98 -12.28 -4.45 42.84
CA LEU C 98 -11.79 -5.40 43.81
C LEU C 98 -10.91 -6.45 43.15
N PHE C 99 -11.18 -6.75 41.89
CA PHE C 99 -10.29 -7.58 41.10
C PHE C 99 -10.37 -7.12 39.66
N ASN C 100 -9.43 -7.60 38.85
CA ASN C 100 -9.46 -7.39 37.40
C ASN C 100 -8.93 -8.63 36.73
N ASP C 101 -9.70 -9.18 35.81
CA ASP C 101 -9.17 -10.19 34.90
C ASP C 101 -8.88 -9.55 33.54
N TRP C 102 -7.95 -10.14 32.83
CA TRP C 102 -7.53 -9.62 31.54
C TRP C 102 -7.26 -10.79 30.61
N LYS C 103 -8.04 -10.89 29.54
CA LYS C 103 -7.74 -11.86 28.49
C LYS C 103 -6.44 -11.47 27.82
N ILE C 104 -5.45 -12.36 27.84
CA ILE C 104 -4.09 -12.04 27.41
C ILE C 104 -4.11 -11.79 25.92
N ASN C 105 -3.83 -10.55 25.55
CA ASN C 105 -4.07 -10.03 24.20
C ASN C 105 -2.86 -9.16 23.86
N LEU C 106 -1.89 -9.74 23.16
CA LEU C 106 -0.73 -8.98 22.73
C LEU C 106 -1.02 -8.02 21.59
N SER C 107 -2.13 -8.20 20.90
CA SER C 107 -2.55 -7.26 19.87
C SER C 107 -3.32 -6.07 20.43
N SER C 108 -3.47 -5.99 21.75
CA SER C 108 -3.98 -4.77 22.36
C SER C 108 -2.94 -3.66 22.30
N LEU C 109 -1.66 -4.01 22.30
CA LEU C 109 -0.56 -3.08 22.19
C LEU C 109 -0.23 -2.95 20.71
N VAL C 110 -0.54 -1.79 20.13
CA VAL C 110 -0.42 -1.60 18.68
C VAL C 110 1.01 -1.49 18.20
N GLN C 111 1.98 -1.33 19.10
CA GLN C 111 3.37 -1.38 18.68
C GLN C 111 3.86 -2.81 18.55
N LEU C 112 3.41 -3.69 19.44
CA LEU C 112 3.70 -5.11 19.32
C LEU C 112 2.78 -5.81 18.34
N ARG C 113 1.56 -5.29 18.15
CA ARG C 113 0.67 -5.83 17.12
C ARG C 113 1.26 -5.61 15.73
N LYS C 114 1.83 -4.43 15.49
CA LYS C 114 2.36 -4.09 14.18
C LYS C 114 3.65 -4.85 13.87
N LYS C 115 4.32 -5.36 14.89
CA LYS C 115 5.50 -6.20 14.75
C LYS C 115 5.15 -7.68 14.62
N LEU C 116 4.14 -8.14 15.36
CA LEU C 116 3.68 -9.51 15.21
C LEU C 116 3.00 -9.74 13.88
N GLU C 117 2.27 -8.75 13.37
CA GLU C 117 1.58 -8.85 12.09
C GLU C 117 2.47 -8.50 10.92
N LEU C 118 3.78 -8.58 11.10
CA LEU C 118 4.74 -8.62 10.01
C LEU C 118 4.95 -10.05 9.56
N PHE C 119 4.30 -11.00 10.23
CA PHE C 119 4.40 -12.43 9.97
C PHE C 119 2.99 -13.01 10.00
N THR C 120 2.79 -14.12 9.29
CA THR C 120 1.48 -14.76 9.35
C THR C 120 1.33 -15.59 10.61
N TYR C 121 2.30 -16.45 10.88
CA TYR C 121 2.28 -17.31 12.06
C TYR C 121 3.42 -16.94 12.98
N VAL C 122 3.21 -17.13 14.27
CA VAL C 122 4.25 -16.89 15.26
C VAL C 122 4.02 -17.86 16.41
N ARG C 123 5.09 -18.51 16.87
CA ARG C 123 5.02 -19.45 17.97
C ARG C 123 6.05 -19.03 18.99
N PHE C 124 5.60 -18.75 20.21
CA PHE C 124 6.52 -18.35 21.27
C PHE C 124 6.02 -18.83 22.62
N ASP C 125 6.95 -19.19 23.48
CA ASP C 125 6.68 -19.30 24.91
C ASP C 125 6.57 -17.90 25.49
N SER C 126 5.76 -17.76 26.53
CA SER C 126 5.52 -16.45 27.12
C SER C 126 6.31 -16.29 28.40
N GLU C 127 6.39 -15.05 28.85
CA GLU C 127 7.22 -14.68 29.99
C GLU C 127 6.62 -13.40 30.56
N TYR C 128 5.98 -13.51 31.72
CA TYR C 128 5.24 -12.40 32.29
C TYR C 128 5.97 -11.89 33.51
N THR C 129 6.26 -10.59 33.51
CA THR C 129 6.80 -9.92 34.67
C THR C 129 5.76 -8.91 35.15
N ILE C 130 5.36 -9.03 36.40
CA ILE C 130 4.24 -8.27 36.94
C ILE C 130 4.76 -7.37 38.04
N LEU C 131 4.58 -6.07 37.87
CA LEU C 131 5.02 -5.06 38.82
C LEU C 131 3.77 -4.42 39.44
N ALA C 132 3.61 -4.60 40.75
CA ALA C 132 2.49 -4.03 41.48
C ALA C 132 3.01 -2.94 42.40
N THR C 133 2.48 -1.73 42.24
CA THR C 133 2.87 -0.58 43.06
C THR C 133 1.64 0.02 43.70
N ALA C 134 1.74 0.38 44.97
CA ALA C 134 0.60 0.87 45.72
C ALA C 134 0.52 2.38 45.68
N SER C 135 -0.60 2.89 46.22
CA SER C 135 -0.93 4.31 46.23
C SER C 135 -2.09 4.53 47.19
N GLN C 136 -2.00 5.56 48.02
CA GLN C 136 -3.01 5.84 49.04
C GLN C 136 -3.33 7.32 49.04
N PRO C 137 -4.20 7.77 48.13
CA PRO C 137 -4.44 9.21 47.98
C PRO C 137 -5.41 9.81 49.00
N ASP C 138 -5.69 9.08 50.07
CA ASP C 138 -6.58 9.54 51.13
C ASP C 138 -5.79 9.60 52.43
N SER C 139 -6.50 9.85 53.54
CA SER C 139 -5.89 9.72 54.85
C SER C 139 -5.60 8.26 55.15
N ALA C 140 -4.37 7.97 55.53
CA ALA C 140 -4.00 6.56 55.57
C ALA C 140 -3.35 6.12 56.87
N ASN C 141 -2.51 6.96 57.48
CA ASN C 141 -1.74 6.77 58.71
C ASN C 141 -0.59 5.78 58.59
N TYR C 142 -0.53 5.01 57.49
CA TYR C 142 0.52 4.04 57.21
C TYR C 142 0.35 3.51 55.80
N SER C 143 1.46 3.07 55.22
CA SER C 143 1.49 2.36 53.96
C SER C 143 1.40 0.88 54.28
N SER C 144 0.33 0.24 53.80
CA SER C 144 0.08 -1.15 54.12
C SER C 144 0.99 -2.08 53.33
N ASN C 145 1.28 -3.24 53.93
CA ASN C 145 2.13 -4.27 53.34
C ASN C 145 1.21 -5.28 52.68
N LEU C 146 1.07 -5.17 51.36
CA LEU C 146 0.04 -5.92 50.66
C LEU C 146 0.61 -7.05 49.83
N VAL C 147 -0.23 -8.05 49.58
CA VAL C 147 0.11 -9.24 48.79
C VAL C 147 -0.92 -9.34 47.68
N VAL C 148 -0.44 -9.54 46.45
CA VAL C 148 -1.29 -9.65 45.27
C VAL C 148 -1.25 -11.08 44.76
N GLN C 149 -2.44 -11.65 44.54
CA GLN C 149 -2.56 -12.89 43.80
C GLN C 149 -2.69 -12.56 42.32
N ALA C 150 -1.70 -12.96 41.54
CA ALA C 150 -1.70 -12.80 40.10
C ALA C 150 -1.96 -14.19 39.51
N MET C 151 -3.21 -14.48 39.19
CA MET C 151 -3.63 -15.82 38.85
C MET C 151 -3.73 -15.98 37.34
N TYR C 152 -2.98 -16.92 36.79
CA TYR C 152 -3.05 -17.21 35.37
C TYR C 152 -4.18 -18.19 35.10
N VAL C 153 -5.20 -17.74 34.40
CA VAL C 153 -6.28 -18.59 33.94
C VAL C 153 -5.90 -19.17 32.58
N PRO C 154 -5.73 -20.48 32.46
CA PRO C 154 -5.34 -21.07 31.18
C PRO C 154 -6.47 -21.03 30.18
N PRO C 155 -6.20 -21.28 28.89
CA PRO C 155 -7.28 -21.28 27.89
C PRO C 155 -8.28 -22.41 28.11
N GLY C 156 -9.55 -22.06 28.15
CA GLY C 156 -10.61 -23.02 28.37
C GLY C 156 -11.08 -23.14 29.79
N ALA C 157 -10.42 -22.47 30.71
CA ALA C 157 -10.72 -22.40 32.13
C ALA C 157 -11.63 -21.20 32.42
N PRO C 158 -12.48 -21.28 33.45
CA PRO C 158 -13.37 -20.15 33.74
C PRO C 158 -12.66 -19.02 34.47
N ASN C 159 -13.10 -17.80 34.15
CA ASN C 159 -12.57 -16.58 34.73
C ASN C 159 -13.33 -16.23 36.01
N PRO C 160 -12.74 -15.44 36.90
CA PRO C 160 -13.48 -15.00 38.09
C PRO C 160 -14.55 -13.99 37.76
N LYS C 161 -15.65 -14.07 38.50
CA LYS C 161 -16.70 -13.05 38.50
C LYS C 161 -16.73 -12.26 39.78
N GLU C 162 -16.18 -12.80 40.87
CA GLU C 162 -16.05 -12.11 42.14
C GLU C 162 -14.62 -12.28 42.62
N TRP C 163 -14.22 -11.43 43.56
CA TRP C 163 -12.86 -11.52 44.10
C TRP C 163 -12.74 -12.65 45.12
N ASP C 164 -13.87 -13.13 45.65
CA ASP C 164 -13.90 -14.26 46.56
C ASP C 164 -14.56 -15.48 45.93
N ASP C 165 -14.30 -15.71 44.64
CA ASP C 165 -14.84 -16.86 43.95
C ASP C 165 -14.09 -18.14 44.33
N TYR C 166 -14.61 -19.24 43.81
CA TYR C 166 -13.94 -20.53 43.86
C TYR C 166 -12.73 -20.58 42.95
N THR C 167 -12.71 -19.74 41.90
CA THR C 167 -11.65 -19.77 40.89
C THR C 167 -10.31 -19.37 41.45
N TRP C 168 -10.29 -18.53 42.49
CA TRP C 168 -9.02 -18.08 43.04
C TRP C 168 -8.29 -19.18 43.79
N GLN C 169 -9.03 -20.12 44.36
CA GLN C 169 -8.46 -21.26 45.05
C GLN C 169 -8.43 -22.52 44.19
N SER C 170 -8.77 -22.40 42.91
CA SER C 170 -8.70 -23.53 42.00
C SER C 170 -7.25 -23.91 41.75
N ALA C 171 -6.93 -25.18 41.97
CA ALA C 171 -5.56 -25.65 41.89
C ALA C 171 -5.02 -25.67 40.48
N SER C 172 -5.90 -25.71 39.48
CA SER C 172 -5.44 -25.81 38.11
C SER C 172 -5.16 -24.46 37.48
N ASN C 173 -5.61 -23.37 38.11
CA ASN C 173 -5.17 -22.04 37.73
C ASN C 173 -3.91 -21.71 38.51
N PRO C 174 -2.76 -21.60 37.85
CA PRO C 174 -1.55 -21.21 38.58
C PRO C 174 -1.60 -19.74 38.98
N SER C 175 -1.27 -19.48 40.23
CA SER C 175 -1.32 -18.13 40.77
C SER C 175 -0.01 -17.80 41.46
N VAL C 176 0.40 -16.54 41.36
CA VAL C 176 1.61 -16.04 41.99
C VAL C 176 1.20 -15.12 43.12
N PHE C 177 1.72 -15.36 44.31
CA PHE C 177 1.51 -14.51 45.46
C PHE C 177 2.80 -13.73 45.70
N PHE C 178 2.74 -12.40 45.51
CA PHE C 178 3.91 -11.57 45.63
C PHE C 178 3.51 -10.27 46.32
N LYS C 179 4.49 -9.57 46.86
CA LYS C 179 4.24 -8.34 47.58
C LYS C 179 4.11 -7.16 46.65
N VAL C 180 3.33 -6.16 47.07
CA VAL C 180 3.22 -4.93 46.31
C VAL C 180 4.48 -4.09 46.53
N GLY C 181 5.07 -3.63 45.44
CA GLY C 181 6.37 -3.01 45.44
C GLY C 181 7.45 -3.95 44.95
N ASP C 182 7.26 -5.24 45.17
CA ASP C 182 8.11 -6.27 44.58
C ASP C 182 7.61 -6.56 43.18
N THR C 183 8.15 -7.59 42.56
CA THR C 183 7.76 -7.95 41.20
C THR C 183 7.64 -9.46 41.08
N SER C 184 6.67 -9.87 40.27
CA SER C 184 6.43 -11.27 39.96
C SER C 184 7.10 -11.62 38.64
N ARG C 185 7.34 -12.90 38.43
CA ARG C 185 7.94 -13.35 37.19
C ARG C 185 7.64 -14.84 37.01
N PHE C 186 7.01 -15.18 35.90
CA PHE C 186 6.75 -16.57 35.57
C PHE C 186 6.69 -16.68 34.06
N SER C 187 6.64 -17.92 33.58
CA SER C 187 6.64 -18.17 32.15
C SER C 187 5.53 -19.15 31.82
N VAL C 188 4.81 -18.88 30.75
CA VAL C 188 3.75 -19.74 30.26
C VAL C 188 4.21 -20.30 28.91
N PRO C 189 4.10 -21.61 28.68
CA PRO C 189 4.52 -22.15 27.39
C PRO C 189 3.59 -21.78 26.26
N TYR C 190 3.84 -22.35 25.08
CA TYR C 190 2.96 -22.12 23.94
C TYR C 190 1.61 -22.79 24.22
N VAL C 191 0.60 -22.00 24.55
CA VAL C 191 -0.70 -22.53 24.90
C VAL C 191 -1.69 -22.39 23.76
N GLY C 192 -1.21 -22.28 22.53
CA GLY C 192 -2.09 -22.29 21.39
C GLY C 192 -2.55 -23.70 21.07
N LEU C 193 -3.56 -23.77 20.19
CA LEU C 193 -4.12 -25.05 19.77
C LEU C 193 -3.60 -25.49 18.40
N ALA C 194 -3.16 -24.55 17.58
CA ALA C 194 -2.47 -24.86 16.34
C ALA C 194 -0.99 -25.04 16.63
N SER C 195 -0.19 -25.21 15.60
CA SER C 195 1.25 -25.30 15.84
C SER C 195 1.92 -23.94 15.91
N ALA C 196 1.15 -22.87 15.75
CA ALA C 196 1.62 -21.50 15.86
C ALA C 196 0.40 -20.64 16.12
N TYR C 197 0.63 -19.41 16.55
CA TYR C 197 -0.47 -18.48 16.67
C TYR C 197 -0.79 -17.93 15.30
N ASN C 198 -2.04 -17.52 15.12
CA ASN C 198 -2.51 -16.96 13.86
C ASN C 198 -2.60 -15.46 14.02
N CYS C 199 -1.70 -14.74 13.39
CA CYS C 199 -1.83 -13.29 13.36
C CYS C 199 -2.97 -12.88 12.45
N PHE C 200 -3.27 -13.70 11.44
CA PHE C 200 -4.32 -13.47 10.47
C PHE C 200 -5.01 -14.79 10.22
N TYR C 201 -6.34 -14.75 10.13
CA TYR C 201 -7.12 -15.96 9.89
C TYR C 201 -8.12 -15.67 8.79
N ASP C 202 -7.88 -16.24 7.61
CA ASP C 202 -8.79 -16.10 6.48
C ASP C 202 -9.84 -17.19 6.57
N GLY C 203 -10.83 -16.96 7.43
CA GLY C 203 -11.93 -17.91 7.48
C GLY C 203 -12.61 -17.89 8.84
N TYR C 204 -13.32 -18.99 9.11
CA TYR C 204 -14.18 -19.11 10.27
C TYR C 204 -13.68 -20.21 11.20
N SER C 205 -14.07 -20.10 12.47
CA SER C 205 -13.59 -20.97 13.52
C SER C 205 -14.72 -21.89 13.99
N HIS C 206 -14.49 -23.20 13.90
CA HIS C 206 -15.30 -24.27 14.49
C HIS C 206 -16.72 -24.43 13.94
N ASP C 207 -17.19 -23.53 13.07
CA ASP C 207 -18.60 -23.46 12.74
C ASP C 207 -18.81 -23.18 11.26
N ASP C 208 -19.94 -23.69 10.75
CA ASP C 208 -20.44 -23.36 9.42
C ASP C 208 -21.30 -22.10 9.42
N ALA C 209 -21.65 -21.57 10.59
CA ALA C 209 -22.42 -20.35 10.69
C ALA C 209 -21.48 -19.14 10.65
N GLU C 210 -22.00 -17.96 10.97
CA GLU C 210 -21.20 -16.73 10.97
C GLU C 210 -20.33 -16.73 12.23
N THR C 211 -19.02 -16.74 12.04
CA THR C 211 -18.07 -16.75 13.15
C THR C 211 -17.04 -15.63 12.96
N GLN C 212 -17.54 -14.45 12.58
CA GLN C 212 -16.87 -13.16 12.65
C GLN C 212 -15.57 -13.00 11.84
N TYR C 213 -15.17 -14.02 11.08
CA TYR C 213 -14.10 -13.95 10.09
C TYR C 213 -12.74 -13.52 10.63
N GLY C 214 -12.08 -14.41 11.36
CA GLY C 214 -10.76 -14.16 11.89
C GLY C 214 -10.71 -14.17 13.40
N ILE C 215 -11.87 -14.05 14.04
CA ILE C 215 -12.00 -14.23 15.48
C ILE C 215 -11.98 -15.72 15.75
N THR C 216 -10.85 -16.24 16.22
CA THR C 216 -10.68 -17.66 16.45
C THR C 216 -10.13 -17.88 17.85
N VAL C 217 -10.47 -19.05 18.42
CA VAL C 217 -10.05 -19.39 19.78
C VAL C 217 -8.76 -20.18 19.73
N LEU C 218 -8.15 -20.26 18.55
CA LEU C 218 -6.84 -20.89 18.45
C LEU C 218 -5.76 -20.00 19.03
N ASN C 219 -5.98 -18.69 19.05
CA ASN C 219 -5.01 -17.71 19.51
C ASN C 219 -5.20 -17.34 20.97
N HIS C 220 -5.90 -18.17 21.74
CA HIS C 220 -6.16 -17.87 23.14
C HIS C 220 -4.88 -18.14 23.92
N MET C 221 -4.31 -17.09 24.49
CA MET C 221 -3.08 -17.20 25.28
C MET C 221 -3.35 -17.33 26.76
N GLY C 222 -4.61 -17.35 27.16
CA GLY C 222 -4.99 -17.48 28.54
C GLY C 222 -5.61 -16.22 29.07
N SER C 223 -5.54 -16.07 30.38
CA SER C 223 -6.04 -14.88 31.05
C SER C 223 -5.25 -14.67 32.33
N MET C 224 -5.06 -13.41 32.70
CA MET C 224 -4.44 -13.02 33.95
C MET C 224 -5.50 -12.36 34.82
N ALA C 225 -5.66 -12.85 36.04
CA ALA C 225 -6.58 -12.24 37.00
C ALA C 225 -5.79 -11.77 38.22
N PHE C 226 -6.19 -10.61 38.75
CA PHE C 226 -5.41 -9.94 39.79
C PHE C 226 -6.32 -9.51 40.91
N ARG C 227 -5.99 -9.90 42.15
CA ARG C 227 -6.67 -9.37 43.32
C ARG C 227 -5.64 -9.19 44.42
N ILE C 228 -6.06 -8.52 45.48
CA ILE C 228 -5.25 -8.37 46.67
C ILE C 228 -5.75 -9.38 47.71
N VAL C 229 -4.84 -10.24 48.16
CA VAL C 229 -5.15 -11.31 49.10
C VAL C 229 -5.54 -10.74 50.46
N ASN C 230 -4.95 -9.60 50.81
CA ASN C 230 -5.17 -8.93 52.08
C ASN C 230 -6.62 -8.49 52.26
N GLU C 231 -7.05 -8.43 53.50
CA GLU C 231 -8.35 -7.84 53.79
C GLU C 231 -8.20 -6.33 53.88
N HIS C 232 -9.30 -5.65 54.12
CA HIS C 232 -9.29 -4.20 54.10
C HIS C 232 -8.69 -3.63 55.38
N ASP C 233 -8.13 -2.43 55.25
CA ASP C 233 -7.80 -1.58 56.37
C ASP C 233 -8.92 -0.57 56.53
N GLU C 234 -8.71 0.49 57.31
CA GLU C 234 -9.72 1.53 57.37
C GLU C 234 -9.53 2.57 56.27
N HIS C 235 -8.47 2.44 55.47
CA HIS C 235 -8.22 3.31 54.34
C HIS C 235 -8.15 2.48 53.07
N LYS C 236 -8.40 3.14 51.94
CA LYS C 236 -8.37 2.48 50.64
C LYS C 236 -6.97 2.58 50.05
N THR C 237 -6.45 1.45 49.60
CA THR C 237 -5.14 1.38 48.97
C THR C 237 -5.36 1.02 47.50
N LEU C 238 -4.68 1.73 46.61
CA LEU C 238 -4.85 1.59 45.18
C LEU C 238 -3.58 0.95 44.62
N VAL C 239 -3.67 -0.30 44.19
CA VAL C 239 -2.54 -1.02 43.62
C VAL C 239 -2.66 -1.00 42.10
N LYS C 240 -1.65 -0.46 41.44
CA LYS C 240 -1.59 -0.43 39.99
C LYS C 240 -0.61 -1.49 39.52
N ILE C 241 -1.08 -2.38 38.65
CA ILE C 241 -0.32 -3.55 38.23
C ILE C 241 0.07 -3.38 36.76
N ARG C 242 1.35 -3.59 36.46
CA ARG C 242 1.89 -3.47 35.12
C ARG C 242 2.41 -4.83 34.69
N VAL C 243 1.79 -5.42 33.68
CA VAL C 243 2.18 -6.72 33.18
C VAL C 243 3.14 -6.53 32.01
N TYR C 244 4.26 -7.22 32.05
CA TYR C 244 5.33 -7.08 31.06
C TYR C 244 5.53 -8.43 30.40
N HIS C 245 5.08 -8.56 29.16
CA HIS C 245 5.22 -9.82 28.43
C HIS C 245 6.46 -9.79 27.57
N ARG C 246 7.21 -10.89 27.59
CA ARG C 246 8.36 -11.09 26.73
C ARG C 246 8.18 -12.39 25.97
N ALA C 247 8.03 -12.30 24.65
CA ALA C 247 7.92 -13.50 23.83
C ALA C 247 9.27 -14.20 23.78
N LYS C 248 9.33 -15.45 24.18
CA LYS C 248 10.60 -16.15 24.15
C LYS C 248 10.48 -17.43 23.33
N HIS C 249 11.65 -17.85 22.82
CA HIS C 249 11.79 -18.92 21.83
C HIS C 249 10.90 -18.65 20.62
N VAL C 250 10.99 -17.40 20.14
CA VAL C 250 10.11 -16.94 19.08
C VAL C 250 10.54 -17.55 17.76
N GLU C 251 9.58 -17.97 16.97
CA GLU C 251 9.81 -18.42 15.61
C GLU C 251 8.60 -18.03 14.78
N ALA C 252 8.85 -17.60 13.55
CA ALA C 252 7.84 -16.91 12.77
C ALA C 252 7.91 -17.36 11.33
N TRP C 253 6.77 -17.31 10.65
CA TRP C 253 6.59 -17.86 9.31
C TRP C 253 5.84 -16.87 8.45
N ILE C 254 6.12 -16.91 7.15
CA ILE C 254 5.39 -16.23 6.08
C ILE C 254 5.39 -14.73 6.32
N PRO C 255 6.48 -14.01 6.02
CA PRO C 255 6.52 -12.58 6.28
C PRO C 255 5.54 -11.82 5.40
N ARG C 256 4.83 -10.88 6.01
CA ARG C 256 3.74 -10.17 5.37
C ARG C 256 4.12 -8.71 5.17
N ALA C 257 3.23 -7.99 4.52
CA ALA C 257 3.43 -6.57 4.32
C ALA C 257 3.25 -5.83 5.64
N PRO C 258 4.03 -4.77 5.87
CA PRO C 258 3.81 -3.96 7.06
C PRO C 258 2.51 -3.20 6.96
N ARG C 259 1.85 -3.05 8.09
CA ARG C 259 0.57 -2.35 8.07
C ARG C 259 0.81 -0.85 8.04
N ALA C 260 0.17 -0.18 7.08
CA ALA C 260 0.34 1.24 6.88
C ALA C 260 -0.71 2.03 7.64
N LEU C 261 -1.93 1.51 7.69
CA LEU C 261 -3.05 2.22 8.26
C LEU C 261 -3.27 1.85 9.71
N PRO C 262 -3.88 2.73 10.51
CA PRO C 262 -4.14 2.38 11.90
C PRO C 262 -5.25 1.35 12.08
N TYR C 263 -5.50 0.98 13.32
CA TYR C 263 -6.42 -0.11 13.64
C TYR C 263 -7.75 0.43 14.13
N THR C 264 -8.79 -0.37 13.93
CA THR C 264 -10.10 -0.12 14.53
C THR C 264 -10.62 -1.26 15.37
N SER C 265 -10.13 -2.48 15.18
CA SER C 265 -10.61 -3.63 15.92
C SER C 265 -9.43 -4.53 16.24
N ILE C 266 -9.66 -5.44 17.18
CA ILE C 266 -8.69 -6.46 17.54
C ILE C 266 -9.07 -7.76 16.85
N GLY C 267 -8.11 -8.38 16.18
CA GLY C 267 -8.38 -9.57 15.42
C GLY C 267 -8.99 -9.32 14.05
N ARG C 268 -9.13 -8.07 13.67
CA ARG C 268 -9.69 -7.69 12.38
C ARG C 268 -8.73 -6.73 11.70
N THR C 269 -8.62 -6.85 10.38
CA THR C 269 -7.76 -5.99 9.58
C THR C 269 -8.44 -4.71 9.17
N ASN C 270 -9.53 -4.32 9.84
CA ASN C 270 -10.31 -3.18 9.43
C ASN C 270 -9.57 -1.89 9.75
N TYR C 271 -9.45 -1.02 8.76
CA TYR C 271 -8.83 0.27 8.92
C TYR C 271 -9.90 1.35 8.94
N PRO C 272 -9.64 2.50 9.57
CA PRO C 272 -10.69 3.53 9.65
C PRO C 272 -10.99 4.17 8.31
N LYS C 273 -12.21 4.68 8.20
CA LYS C 273 -12.68 5.30 6.97
C LYS C 273 -12.35 6.78 6.96
N ASN C 274 -12.12 7.30 5.75
CA ASN C 274 -11.70 8.69 5.51
C ASN C 274 -10.45 9.03 6.31
N THR C 275 -9.49 8.11 6.33
CA THR C 275 -8.26 8.25 7.06
C THR C 275 -7.27 9.08 6.23
N GLU C 276 -6.06 9.21 6.72
CA GLU C 276 -5.08 10.04 6.03
C GLU C 276 -4.21 9.19 5.11
N PRO C 277 -3.70 9.77 4.03
CA PRO C 277 -2.81 9.01 3.13
C PRO C 277 -1.47 8.73 3.78
N VAL C 278 -1.06 7.46 3.74
CA VAL C 278 0.18 7.06 4.37
C VAL C 278 1.39 7.40 3.48
N ILE C 279 1.25 7.31 2.17
CA ILE C 279 2.33 7.69 1.26
C ILE C 279 2.35 9.21 1.19
N LYS C 280 3.42 9.81 1.70
CA LYS C 280 3.44 11.25 1.88
C LYS C 280 3.92 11.95 0.61
N LYS C 281 3.36 13.14 0.39
CA LYS C 281 3.58 13.86 -0.84
C LYS C 281 4.92 14.58 -0.82
N ARG C 282 5.56 14.64 -1.98
CA ARG C 282 6.78 15.44 -2.15
C ARG C 282 6.49 16.92 -1.96
N LYS C 283 7.55 17.67 -1.62
CA LYS C 283 7.46 19.12 -1.60
C LYS C 283 7.60 19.73 -2.99
N GLY C 284 7.90 18.93 -4.00
CA GLY C 284 7.94 19.39 -5.38
C GLY C 284 7.30 18.36 -6.30
N ASP C 285 7.91 18.19 -7.47
CA ASP C 285 7.47 17.24 -8.48
C ASP C 285 8.31 15.98 -8.34
N ILE C 286 8.06 15.01 -9.23
CA ILE C 286 8.76 13.73 -9.20
C ILE C 286 10.24 13.89 -9.52
N LYS C 287 10.60 14.95 -10.23
CA LYS C 287 11.99 15.23 -10.56
C LYS C 287 12.73 15.93 -9.43
N SER C 288 12.00 16.45 -8.44
CA SER C 288 12.62 17.14 -7.31
C SER C 288 13.24 16.13 -6.36
N TYR C 289 14.53 16.30 -6.08
CA TYR C 289 15.28 15.39 -5.22
C TYR C 289 14.85 15.52 -3.77
N PRO D 3 27.08 -17.98 53.15
CA PRO D 3 27.62 -16.62 53.23
C PRO D 3 27.68 -15.92 51.88
N THR D 4 26.71 -15.05 51.63
CA THR D 4 26.63 -14.29 50.38
C THR D 4 26.30 -12.83 50.68
N THR D 5 26.61 -11.97 49.73
CA THR D 5 26.32 -10.53 49.83
C THR D 5 25.52 -10.12 48.61
N THR D 6 24.37 -9.48 48.84
CA THR D 6 23.58 -8.98 47.71
C THR D 6 24.24 -7.74 47.12
N LEU D 7 24.36 -7.73 45.81
CA LEU D 7 25.03 -6.66 45.09
C LEU D 7 24.08 -5.49 44.88
N PRO D 8 24.59 -4.34 44.44
CA PRO D 8 23.70 -3.31 43.90
C PRO D 8 23.00 -3.77 42.63
N GLY D 9 21.76 -3.32 42.48
CA GLY D 9 20.94 -3.84 41.41
C GLY D 9 20.37 -5.20 41.73
N SER D 10 19.95 -5.40 42.97
CA SER D 10 19.29 -6.62 43.40
C SER D 10 17.82 -6.31 43.61
N GLY D 11 16.95 -7.14 43.07
CA GLY D 11 15.54 -6.85 43.10
C GLY D 11 15.09 -5.82 42.10
N GLN D 12 15.96 -5.43 41.18
CA GLN D 12 15.58 -4.54 40.10
C GLN D 12 14.95 -5.37 39.00
N PHE D 13 14.13 -4.72 38.18
CA PHE D 13 13.67 -5.34 36.94
C PHE D 13 14.17 -4.50 35.78
N LEU D 14 15.32 -4.88 35.26
CA LEU D 14 15.80 -4.41 33.97
C LEU D 14 15.03 -5.16 32.90
N THR D 15 14.22 -4.44 32.12
CA THR D 15 13.26 -5.06 31.22
C THR D 15 13.94 -5.81 30.09
N THR D 16 15.15 -5.42 29.73
CA THR D 16 15.86 -6.01 28.61
C THR D 16 16.73 -7.18 29.04
N ASP D 17 16.73 -7.55 30.31
CA ASP D 17 17.60 -8.60 30.83
C ASP D 17 16.84 -9.92 30.81
N ASP D 18 17.12 -10.73 29.80
CA ASP D 18 16.41 -11.99 29.58
C ASP D 18 16.87 -13.02 30.60
N ARG D 19 15.97 -13.46 31.47
CA ARG D 19 16.26 -14.46 32.46
C ARG D 19 15.25 -15.60 32.33
N GLN D 20 15.70 -16.80 32.70
CA GLN D 20 14.79 -17.92 32.81
C GLN D 20 13.88 -17.73 34.02
N SER D 21 12.72 -18.37 33.98
CA SER D 21 11.67 -18.16 34.96
C SER D 21 11.03 -19.49 35.31
N PRO D 22 10.42 -19.59 36.49
CA PRO D 22 9.63 -20.79 36.79
C PRO D 22 8.38 -20.85 35.93
N SER D 23 8.13 -22.02 35.37
CA SER D 23 7.03 -22.19 34.43
C SER D 23 5.71 -22.23 35.17
N ALA D 24 4.73 -21.49 34.68
CA ALA D 24 3.41 -21.49 35.29
C ALA D 24 2.61 -22.71 34.88
N LEU D 25 2.99 -23.37 33.79
CA LEU D 25 2.39 -24.66 33.44
C LEU D 25 3.51 -25.67 33.22
N PRO D 26 4.10 -26.21 34.29
CA PRO D 26 4.95 -27.37 34.12
C PRO D 26 4.10 -28.59 33.88
N ASN D 27 4.71 -29.59 33.24
CA ASN D 27 4.15 -30.85 32.78
C ASN D 27 3.17 -30.67 31.62
N TYR D 28 2.85 -29.44 31.22
CA TYR D 28 2.00 -29.17 30.08
C TYR D 28 2.79 -29.44 28.80
N GLU D 29 2.31 -30.36 27.99
CA GLU D 29 2.92 -30.65 26.71
C GLU D 29 2.22 -29.81 25.66
N PRO D 30 2.89 -28.80 25.08
CA PRO D 30 2.22 -27.94 24.11
C PRO D 30 2.00 -28.64 22.78
N THR D 31 1.26 -27.96 21.92
CA THR D 31 0.93 -28.48 20.60
C THR D 31 2.20 -28.63 19.78
N PRO D 32 2.43 -29.76 19.12
CA PRO D 32 3.71 -29.99 18.46
C PRO D 32 3.93 -29.07 17.27
N ARG D 33 5.20 -28.84 16.98
CA ARG D 33 5.60 -28.03 15.85
C ARG D 33 5.46 -28.86 14.58
N ILE D 34 4.70 -28.34 13.62
CA ILE D 34 4.70 -28.88 12.28
C ILE D 34 5.58 -27.99 11.42
N HIS D 35 5.91 -28.47 10.23
CA HIS D 35 6.68 -27.68 9.27
C HIS D 35 5.72 -26.77 8.53
N ILE D 36 5.67 -25.51 8.94
CA ILE D 36 5.03 -24.47 8.15
C ILE D 36 6.13 -23.96 7.23
N PRO D 37 5.89 -23.74 5.95
CA PRO D 37 6.94 -23.20 5.09
C PRO D 37 7.16 -21.72 5.39
N GLY D 38 8.27 -21.21 4.87
CA GLY D 38 8.56 -19.80 4.98
C GLY D 38 9.00 -19.31 6.34
N LYS D 39 9.79 -20.10 7.07
CA LYS D 39 10.25 -19.69 8.39
C LYS D 39 11.28 -18.59 8.27
N VAL D 40 11.07 -17.51 9.03
CA VAL D 40 11.94 -16.34 9.00
C VAL D 40 12.75 -16.33 10.27
N HIS D 41 14.07 -16.51 10.15
CA HIS D 41 14.95 -16.42 11.28
C HIS D 41 15.48 -15.03 11.52
N ASN D 42 15.51 -14.21 10.48
CA ASN D 42 16.28 -12.98 10.45
C ASN D 42 15.48 -11.96 9.68
N LEU D 43 15.41 -10.72 10.17
CA LEU D 43 14.75 -9.69 9.38
C LEU D 43 15.59 -9.20 8.21
N LEU D 44 16.86 -9.56 8.17
CA LEU D 44 17.69 -9.30 7.00
C LEU D 44 17.43 -10.29 5.88
N GLU D 45 16.55 -11.26 6.08
CA GLU D 45 16.11 -12.14 5.02
C GLU D 45 15.03 -11.50 4.17
N ILE D 46 14.16 -10.70 4.79
CA ILE D 46 12.93 -10.27 4.15
C ILE D 46 13.01 -8.87 3.58
N ILE D 47 13.99 -8.07 3.98
CA ILE D 47 14.18 -6.78 3.32
C ILE D 47 15.01 -6.91 2.04
N GLN D 48 15.56 -8.09 1.78
CA GLN D 48 16.19 -8.37 0.50
C GLN D 48 15.18 -8.68 -0.58
N VAL D 49 13.93 -8.89 -0.22
CA VAL D 49 12.85 -9.01 -1.18
C VAL D 49 12.50 -7.61 -1.68
N ASP D 50 12.56 -7.41 -2.99
CA ASP D 50 12.31 -6.09 -3.55
C ASP D 50 10.83 -5.79 -3.61
N THR D 51 10.47 -4.58 -3.18
CA THR D 51 9.10 -4.10 -3.18
C THR D 51 9.05 -2.78 -3.91
N LEU D 52 7.86 -2.46 -4.42
CA LEU D 52 7.66 -1.26 -5.22
C LEU D 52 7.90 0.01 -4.42
N ILE D 53 8.36 1.03 -5.12
CA ILE D 53 8.64 2.35 -4.52
C ILE D 53 7.57 3.31 -5.01
N PRO D 54 6.92 4.02 -4.12
CA PRO D 54 6.04 5.11 -4.59
C PRO D 54 6.84 6.38 -4.92
N MET D 55 7.46 6.41 -6.10
CA MET D 55 8.19 7.61 -6.47
C MET D 55 7.29 8.69 -7.04
N ASN D 56 6.08 8.36 -7.45
CA ASN D 56 5.16 9.38 -7.92
C ASN D 56 4.28 9.85 -6.77
N ASN D 57 4.94 10.47 -5.78
CA ASN D 57 4.28 11.01 -4.60
C ASN D 57 3.42 12.22 -4.87
N THR D 58 3.27 12.66 -6.11
CA THR D 58 2.70 13.96 -6.43
C THR D 58 1.21 14.05 -6.19
N HIS D 59 0.57 12.99 -5.72
CA HIS D 59 -0.86 12.95 -5.48
C HIS D 59 -1.15 13.20 -4.00
N THR D 60 -2.32 13.77 -3.74
CA THR D 60 -2.75 14.04 -2.38
C THR D 60 -3.43 12.85 -1.73
N LYS D 61 -3.58 11.75 -2.46
CA LYS D 61 -4.17 10.52 -1.96
C LYS D 61 -3.28 9.36 -2.33
N ASP D 62 -3.51 8.22 -1.70
CA ASP D 62 -2.78 7.02 -2.04
C ASP D 62 -3.50 6.29 -3.16
N GLU D 63 -2.74 5.87 -4.16
CA GLU D 63 -3.30 5.16 -5.30
C GLU D 63 -2.20 4.37 -5.98
N VAL D 64 -2.62 3.53 -6.93
CA VAL D 64 -1.69 2.69 -7.68
C VAL D 64 -0.83 3.55 -8.60
N ASN D 65 -1.33 4.73 -8.98
CA ASN D 65 -0.63 5.66 -9.84
C ASN D 65 0.61 6.23 -9.17
N SER D 66 0.70 6.20 -7.85
CA SER D 66 1.89 6.66 -7.16
C SER D 66 3.06 5.71 -7.31
N TYR D 67 2.82 4.45 -7.65
CA TYR D 67 3.91 3.52 -7.93
C TYR D 67 4.40 3.59 -9.36
N LEU D 68 3.72 4.36 -10.20
CA LEU D 68 3.97 4.40 -11.63
C LEU D 68 4.77 5.65 -11.95
N ILE D 69 5.96 5.46 -12.51
CA ILE D 69 6.81 6.58 -12.93
C ILE D 69 6.45 6.91 -14.37
N PRO D 70 5.83 8.07 -14.63
CA PRO D 70 5.30 8.35 -15.97
C PRO D 70 6.39 8.74 -16.96
N LEU D 71 6.31 8.19 -18.16
CA LEU D 71 7.18 8.55 -19.26
C LEU D 71 6.38 9.18 -20.38
N ASN D 72 7.02 10.10 -21.09
CA ASN D 72 6.34 10.99 -22.02
C ASN D 72 7.12 11.05 -23.31
N ALA D 73 6.40 11.01 -24.42
CA ALA D 73 7.02 11.11 -25.72
C ALA D 73 7.38 12.57 -26.02
N ASN D 74 8.33 12.73 -26.95
CA ASN D 74 8.87 14.04 -27.37
C ASN D 74 9.43 14.82 -26.18
N ARG D 75 10.21 14.13 -25.35
CA ARG D 75 10.96 14.78 -24.29
C ARG D 75 12.37 14.19 -24.30
N GLN D 76 13.35 15.01 -24.64
CA GLN D 76 14.75 14.64 -24.69
C GLN D 76 15.50 15.54 -23.73
N ASN D 77 16.46 14.97 -23.01
CA ASN D 77 17.32 15.61 -22.03
C ASN D 77 16.57 16.17 -20.83
N GLU D 78 15.29 15.84 -20.67
CA GLU D 78 14.63 16.12 -19.42
C GLU D 78 14.95 15.03 -18.41
N GLN D 79 14.42 15.18 -17.21
CA GLN D 79 14.57 14.23 -16.14
C GLN D 79 13.29 13.40 -16.03
N VAL D 80 13.45 12.10 -15.84
CA VAL D 80 12.29 11.25 -15.65
C VAL D 80 11.82 11.33 -14.20
N PHE D 81 12.65 10.88 -13.26
CA PHE D 81 12.41 11.05 -11.84
C PHE D 81 13.72 11.46 -11.18
N GLY D 82 13.63 11.76 -9.90
CA GLY D 82 14.81 11.99 -9.10
C GLY D 82 14.47 11.90 -7.63
N THR D 83 15.30 11.21 -6.87
CA THR D 83 15.07 11.09 -5.44
C THR D 83 16.42 11.06 -4.73
N ASN D 84 16.40 11.43 -3.45
CA ASN D 84 17.51 11.13 -2.58
C ASN D 84 17.36 9.71 -2.05
N LEU D 85 18.39 9.22 -1.36
CA LEU D 85 18.39 7.85 -0.91
C LEU D 85 18.41 7.75 0.61
N PHE D 86 17.77 8.71 1.28
CA PHE D 86 17.38 8.50 2.66
C PHE D 86 16.27 7.45 2.68
N ILE D 87 16.54 6.29 3.26
CA ILE D 87 15.58 5.20 3.19
C ILE D 87 14.77 5.15 4.47
N GLY D 88 14.69 6.27 5.16
CA GLY D 88 13.80 6.40 6.30
C GLY D 88 12.76 7.47 6.08
N ASP D 89 12.89 8.20 4.97
CA ASP D 89 11.98 9.30 4.68
C ASP D 89 11.72 9.30 3.18
N GLY D 90 10.68 10.02 2.77
CA GLY D 90 10.46 10.24 1.35
C GLY D 90 9.77 9.07 0.71
N VAL D 91 10.31 8.62 -0.43
CA VAL D 91 9.66 7.57 -1.19
C VAL D 91 9.84 6.22 -0.52
N PHE D 92 10.87 6.06 0.31
CA PHE D 92 11.21 4.77 0.87
C PHE D 92 10.60 4.54 2.23
N LYS D 93 9.89 5.51 2.79
CA LYS D 93 9.43 5.41 4.17
C LYS D 93 8.36 4.34 4.33
N THR D 94 7.61 4.06 3.29
CA THR D 94 6.53 3.09 3.36
C THR D 94 6.86 1.76 2.70
N THR D 95 8.04 1.61 2.12
CA THR D 95 8.43 0.34 1.53
C THR D 95 8.75 -0.67 2.61
N LEU D 96 8.96 -1.92 2.21
CA LEU D 96 9.29 -2.97 3.16
C LEU D 96 10.69 -2.77 3.74
N LEU D 97 11.61 -2.25 2.93
CA LEU D 97 12.92 -1.88 3.43
C LEU D 97 12.81 -0.75 4.46
N GLY D 98 12.16 0.34 4.09
CA GLY D 98 12.10 1.49 4.95
C GLY D 98 11.10 1.41 6.08
N GLU D 99 10.21 0.42 6.10
CA GLU D 99 9.43 0.17 7.31
C GLU D 99 10.23 -0.61 8.35
N ILE D 100 11.18 -1.43 7.91
CA ILE D 100 11.99 -2.21 8.83
C ILE D 100 13.29 -1.47 9.17
N VAL D 101 13.78 -0.62 8.28
CA VAL D 101 14.87 0.29 8.63
C VAL D 101 14.44 1.25 9.73
N GLN D 102 13.22 1.74 9.69
CA GLN D 102 12.82 2.71 10.69
C GLN D 102 12.40 2.07 12.01
N TYR D 103 12.41 0.75 12.11
CA TYR D 103 12.43 0.14 13.44
C TYR D 103 13.77 0.27 14.12
N TYR D 104 14.86 0.40 13.37
CA TYR D 104 16.15 0.46 14.02
C TYR D 104 16.73 1.85 13.80
N THR D 105 17.94 2.07 14.32
CA THR D 105 18.54 3.38 14.22
C THR D 105 19.60 3.47 13.13
N HIS D 106 20.45 2.47 12.97
CA HIS D 106 21.55 2.54 12.03
C HIS D 106 21.47 1.41 11.04
N TRP D 107 21.46 1.74 9.74
CA TRP D 107 21.39 0.64 8.77
C TRP D 107 22.74 0.23 8.20
N SER D 108 23.41 1.08 7.42
CA SER D 108 24.76 0.81 6.87
C SER D 108 24.83 -0.47 6.03
N GLY D 109 24.22 -0.40 4.85
CA GLY D 109 24.48 -1.42 3.86
C GLY D 109 24.33 -0.96 2.42
N SER D 110 24.43 -1.89 1.47
CA SER D 110 24.19 -1.61 0.06
C SER D 110 22.73 -1.85 -0.29
N LEU D 111 22.23 -1.07 -1.23
CA LEU D 111 20.86 -1.19 -1.70
C LEU D 111 20.83 -1.85 -3.06
N ARG D 112 19.68 -2.43 -3.39
CA ARG D 112 19.47 -3.06 -4.70
C ARG D 112 18.28 -2.36 -5.34
N PHE D 113 18.54 -1.54 -6.34
CA PHE D 113 17.53 -0.70 -6.96
C PHE D 113 17.21 -1.22 -8.35
N SER D 114 15.93 -1.44 -8.62
CA SER D 114 15.48 -2.00 -9.88
C SER D 114 14.49 -1.07 -10.54
N LEU D 115 14.43 -1.12 -11.87
CA LEU D 115 13.35 -0.49 -12.61
C LEU D 115 12.78 -1.50 -13.58
N MET D 116 11.53 -1.28 -13.98
CA MET D 116 10.81 -2.22 -14.82
C MET D 116 9.99 -1.41 -15.81
N TYR D 117 10.25 -1.59 -17.09
CA TYR D 117 9.53 -0.88 -18.13
C TYR D 117 8.31 -1.69 -18.53
N THR D 118 7.14 -1.06 -18.42
CA THR D 118 5.87 -1.75 -18.67
C THR D 118 5.13 -1.23 -19.89
N GLY D 119 5.76 -0.37 -20.70
CA GLY D 119 5.18 0.04 -21.93
C GLY D 119 5.27 -1.05 -22.99
N PRO D 120 4.79 -0.75 -24.20
CA PRO D 120 4.63 -1.80 -25.21
C PRO D 120 5.95 -2.32 -25.73
N ALA D 121 5.88 -3.50 -26.35
CA ALA D 121 7.08 -4.21 -26.78
C ALA D 121 7.74 -3.55 -27.97
N LEU D 122 7.03 -2.72 -28.71
CA LEU D 122 7.60 -2.01 -29.84
C LEU D 122 8.15 -0.65 -29.47
N SER D 123 7.77 -0.09 -28.32
CA SER D 123 8.30 1.19 -27.91
C SER D 123 9.75 1.05 -27.46
N SER D 124 10.51 2.11 -27.64
CA SER D 124 11.91 2.11 -27.25
C SER D 124 12.33 3.51 -26.87
N ALA D 125 13.25 3.58 -25.91
CA ALA D 125 13.89 4.83 -25.50
C ALA D 125 15.19 4.47 -24.84
N LYS D 126 16.04 5.47 -24.68
CA LYS D 126 17.22 5.36 -23.84
C LYS D 126 17.05 6.28 -22.66
N LEU D 127 17.04 5.70 -21.47
CA LEU D 127 17.04 6.45 -20.24
C LEU D 127 18.41 6.29 -19.62
N ILE D 128 18.93 7.37 -19.07
CA ILE D 128 20.22 7.33 -18.41
C ILE D 128 20.01 7.51 -16.91
N LEU D 129 20.51 6.55 -16.15
CA LEU D 129 20.17 6.34 -14.74
C LEU D 129 21.36 6.73 -13.87
N ALA D 130 21.33 7.96 -13.36
CA ALA D 130 22.47 8.53 -12.67
C ALA D 130 22.45 8.20 -11.19
N TYR D 131 23.59 7.79 -10.66
CA TYR D 131 23.80 7.69 -9.22
C TYR D 131 24.72 8.81 -8.78
N THR D 132 24.19 9.72 -7.96
CA THR D 132 24.99 10.72 -7.30
C THR D 132 25.31 10.21 -5.91
N PRO D 133 26.58 10.11 -5.53
CA PRO D 133 26.93 9.59 -4.22
C PRO D 133 26.67 10.63 -3.14
N PRO D 134 26.69 10.26 -1.85
CA PRO D 134 26.47 11.26 -0.81
C PRO D 134 27.62 12.24 -0.71
N GLY D 135 27.28 13.48 -0.38
CA GLY D 135 28.21 14.58 -0.37
C GLY D 135 28.17 15.42 -1.62
N ALA D 136 27.72 14.85 -2.73
CA ALA D 136 27.69 15.52 -4.01
C ALA D 136 26.32 16.13 -4.29
N ARG D 137 26.25 16.92 -5.36
CA ARG D 137 25.00 17.49 -5.82
C ARG D 137 24.43 16.61 -6.92
N GLY D 138 23.11 16.40 -6.86
CA GLY D 138 22.41 15.71 -7.92
C GLY D 138 22.46 16.51 -9.20
N PRO D 139 22.48 15.83 -10.34
CA PRO D 139 22.67 16.55 -11.60
C PRO D 139 21.43 17.34 -11.97
N GLN D 140 21.66 18.41 -12.73
CA GLN D 140 20.58 19.29 -13.13
C GLN D 140 20.50 19.46 -14.63
N ASP D 141 21.31 18.70 -15.39
CA ASP D 141 21.02 18.41 -16.78
C ASP D 141 21.46 16.98 -17.07
N ARG D 142 21.10 16.50 -18.26
CA ARG D 142 21.37 15.11 -18.66
C ARG D 142 22.85 14.86 -18.79
N ARG D 143 23.62 15.89 -19.11
CA ARG D 143 25.03 15.75 -19.41
C ARG D 143 25.86 15.59 -18.14
N GLU D 144 25.53 16.32 -17.08
CA GLU D 144 26.14 16.12 -15.78
C GLU D 144 25.84 14.73 -15.23
N ALA D 145 24.67 14.18 -15.57
CA ALA D 145 24.34 12.82 -15.19
C ALA D 145 25.23 11.81 -15.93
N MET D 146 25.52 12.08 -17.20
CA MET D 146 26.37 11.20 -17.98
C MET D 146 27.82 11.31 -17.56
N LEU D 147 28.27 12.48 -17.13
CA LEU D 147 29.65 12.62 -16.69
C LEU D 147 29.91 11.99 -15.34
N GLY D 148 28.88 11.59 -14.61
CA GLY D 148 29.03 10.85 -13.38
C GLY D 148 28.75 9.37 -13.56
N THR D 149 28.37 8.73 -12.47
CA THR D 149 28.05 7.31 -12.49
C THR D 149 26.67 7.09 -13.10
N HIS D 150 26.58 6.25 -14.11
CA HIS D 150 25.30 6.07 -14.79
C HIS D 150 25.25 4.74 -15.51
N VAL D 151 24.03 4.38 -15.93
CA VAL D 151 23.79 3.39 -16.98
C VAL D 151 22.95 4.05 -18.04
N VAL D 152 23.35 3.92 -19.31
CA VAL D 152 22.48 4.26 -20.42
C VAL D 152 21.66 3.02 -20.72
N TRP D 153 20.40 3.02 -20.25
CA TRP D 153 19.54 1.86 -20.30
C TRP D 153 18.59 1.98 -21.48
N ASP D 154 18.75 1.09 -22.46
CA ASP D 154 17.86 1.07 -23.62
C ASP D 154 16.62 0.28 -23.23
N ILE D 155 15.52 1.02 -23.07
CA ILE D 155 14.19 0.46 -22.81
C ILE D 155 13.75 -0.55 -23.86
N GLY D 156 14.15 -0.35 -25.12
CA GLY D 156 13.79 -1.28 -26.18
C GLY D 156 14.35 -2.66 -25.98
N LEU D 157 15.58 -2.74 -25.50
CA LEU D 157 16.25 -4.03 -25.37
C LEU D 157 15.99 -4.66 -24.00
N GLN D 158 16.36 -3.95 -22.94
CA GLN D 158 16.37 -4.48 -21.58
C GLN D 158 15.15 -3.94 -20.85
N SER D 159 14.17 -4.79 -20.59
CA SER D 159 12.93 -4.34 -19.98
C SER D 159 13.01 -4.17 -18.48
N THR D 160 14.03 -4.73 -17.84
CA THR D 160 14.22 -4.63 -16.40
C THR D 160 15.70 -4.43 -16.14
N ILE D 161 16.04 -3.36 -15.44
CA ILE D 161 17.43 -3.10 -15.06
C ILE D 161 17.54 -3.21 -13.55
N VAL D 162 18.67 -3.76 -13.08
CA VAL D 162 18.93 -3.92 -11.66
C VAL D 162 20.23 -3.21 -11.35
N MET D 163 20.19 -2.25 -10.45
CA MET D 163 21.35 -1.42 -10.15
C MET D 163 21.64 -1.48 -8.66
N THR D 164 22.87 -1.84 -8.31
CA THR D 164 23.27 -1.95 -6.92
C THR D 164 23.88 -0.62 -6.46
N ILE D 165 23.19 0.03 -5.54
CA ILE D 165 23.69 1.26 -4.94
C ILE D 165 24.84 0.93 -3.99
N PRO D 166 25.98 1.62 -4.07
CA PRO D 166 27.15 1.23 -3.28
C PRO D 166 26.94 1.41 -1.78
N TRP D 167 27.84 0.75 -1.03
CA TRP D 167 27.75 0.69 0.42
C TRP D 167 27.89 2.09 1.03
N THR D 168 26.94 2.46 1.88
CA THR D 168 26.73 3.86 2.19
C THR D 168 27.04 4.24 3.62
N SER D 169 26.46 3.52 4.60
CA SER D 169 26.39 3.93 6.01
C SER D 169 25.76 5.31 6.15
N GLY D 170 24.53 5.41 5.64
CA GLY D 170 23.84 6.68 5.48
C GLY D 170 22.86 7.06 6.56
N VAL D 171 23.34 7.17 7.81
CA VAL D 171 22.51 7.58 8.94
C VAL D 171 23.38 8.09 10.09
N THR D 182 23.46 16.53 -0.82
CA THR D 182 23.31 16.37 0.61
C THR D 182 23.93 15.06 1.08
N SER D 183 23.12 14.15 1.60
CA SER D 183 23.60 12.92 2.21
C SER D 183 22.78 11.76 1.69
N ALA D 184 23.32 10.56 1.93
CA ALA D 184 22.81 9.23 1.54
C ALA D 184 22.80 8.98 0.04
N GLY D 185 23.13 10.00 -0.76
CA GLY D 185 23.16 9.87 -2.19
C GLY D 185 21.87 10.32 -2.86
N PHE D 186 21.96 10.55 -4.16
CA PHE D 186 20.82 10.84 -5.00
C PHE D 186 20.72 9.78 -6.09
N LEU D 187 19.59 9.78 -6.79
CA LEU D 187 19.35 8.81 -7.83
C LEU D 187 18.33 9.41 -8.79
N SER D 188 18.77 9.75 -10.00
CA SER D 188 17.92 10.37 -10.98
C SER D 188 17.92 9.56 -12.26
N CYS D 189 16.97 9.90 -13.12
CA CYS D 189 16.85 9.29 -14.43
C CYS D 189 16.53 10.36 -15.44
N TRP D 190 17.21 10.34 -16.57
CA TRP D 190 17.13 11.38 -17.57
C TRP D 190 16.83 10.74 -18.92
N TYR D 191 16.14 11.47 -19.78
CA TYR D 191 15.91 11.01 -21.15
C TYR D 191 17.18 11.21 -21.96
N GLN D 192 17.85 10.12 -22.32
CA GLN D 192 18.89 10.22 -23.34
C GLN D 192 18.28 10.49 -24.70
N THR D 193 17.34 9.64 -25.11
CA THR D 193 16.56 9.81 -26.31
C THR D 193 15.11 10.08 -25.94
N SER D 194 14.37 10.65 -26.88
CA SER D 194 12.94 10.78 -26.68
C SER D 194 12.27 9.41 -26.79
N LEU D 195 11.13 9.28 -26.14
CA LEU D 195 10.38 8.02 -26.13
C LEU D 195 9.68 7.83 -27.46
N ILE D 196 10.08 6.76 -28.17
CA ILE D 196 9.50 6.43 -29.46
C ILE D 196 8.37 5.42 -29.23
N LEU D 197 7.14 5.86 -29.48
CA LEU D 197 5.99 5.02 -29.27
C LEU D 197 5.63 4.27 -30.56
N PRO D 198 4.98 3.12 -30.46
CA PRO D 198 4.49 2.44 -31.67
C PRO D 198 3.40 3.25 -32.34
N PRO D 199 3.17 3.04 -33.64
CA PRO D 199 2.30 3.98 -34.40
C PRO D 199 0.84 3.94 -33.96
N GLU D 200 0.29 5.14 -33.77
CA GLU D 200 -1.06 5.38 -33.24
C GLU D 200 -1.27 4.70 -31.89
N THR D 201 -0.21 4.69 -31.07
CA THR D 201 -0.29 4.29 -29.67
C THR D 201 0.39 5.44 -28.92
N THR D 202 -0.37 6.47 -28.60
CA THR D 202 0.20 7.67 -28.01
C THR D 202 -0.33 7.86 -26.59
N GLY D 203 0.44 8.57 -25.80
CA GLY D 203 0.09 8.78 -24.41
C GLY D 203 1.29 8.63 -23.50
N GLN D 204 1.10 7.96 -22.36
CA GLN D 204 2.18 7.78 -21.41
C GLN D 204 2.38 6.30 -21.13
N VAL D 205 3.64 5.91 -20.98
CA VAL D 205 4.00 4.58 -20.51
C VAL D 205 4.70 4.77 -19.17
N TYR D 206 4.85 3.67 -18.44
CA TYR D 206 5.21 3.78 -17.04
C TYR D 206 6.39 2.91 -16.70
N LEU D 207 7.11 3.32 -15.65
CA LEU D 207 8.14 2.52 -15.01
C LEU D 207 7.68 2.11 -13.61
N LEU D 208 8.14 0.95 -13.18
CA LEU D 208 7.94 0.45 -11.84
C LEU D 208 9.30 0.30 -11.19
N SER D 209 9.51 0.98 -10.08
CA SER D 209 10.79 0.98 -9.38
C SER D 209 10.71 0.15 -8.12
N PHE D 210 11.79 -0.57 -7.83
CA PHE D 210 11.85 -1.52 -6.73
C PHE D 210 13.07 -1.22 -5.89
N ILE D 211 12.96 -1.40 -4.58
CA ILE D 211 14.10 -1.25 -3.68
C ILE D 211 14.17 -2.49 -2.80
N SER D 212 15.39 -2.92 -2.52
CA SER D 212 15.65 -3.93 -1.52
C SER D 212 17.04 -3.69 -0.96
N ALA D 213 17.56 -4.69 -0.28
CA ALA D 213 18.86 -4.62 0.34
C ALA D 213 19.76 -5.68 -0.27
N CYS D 214 21.02 -5.35 -0.47
CA CYS D 214 22.01 -6.35 -0.82
C CYS D 214 22.33 -7.16 0.43
N PRO D 215 22.84 -8.39 0.29
CA PRO D 215 23.01 -9.25 1.48
C PRO D 215 24.07 -8.80 2.47
N ASP D 216 24.83 -7.75 2.20
CA ASP D 216 25.74 -7.17 3.18
C ASP D 216 25.08 -6.09 4.03
N PHE D 217 23.77 -5.96 3.95
CA PHE D 217 23.03 -4.94 4.67
C PHE D 217 22.95 -5.32 6.13
N LYS D 218 23.42 -4.45 7.01
CA LYS D 218 23.26 -4.65 8.44
C LYS D 218 22.17 -3.71 8.92
N LEU D 219 21.86 -3.78 10.21
CA LEU D 219 20.80 -2.98 10.83
C LEU D 219 20.98 -3.13 12.33
N ARG D 220 21.07 -2.03 13.08
CA ARG D 220 21.39 -2.15 14.50
C ARG D 220 20.76 -1.01 15.29
N LEU D 221 20.76 -1.20 16.62
CA LEU D 221 20.20 -0.31 17.64
C LEU D 221 18.70 -0.08 17.39
N MET D 222 17.95 -1.15 17.65
CA MET D 222 16.50 -1.16 17.48
C MET D 222 15.81 -0.07 18.30
N LYS D 223 14.94 0.68 17.63
CA LYS D 223 14.17 1.74 18.30
C LYS D 223 12.67 1.51 18.07
N ASP D 224 11.84 2.48 18.44
CA ASP D 224 10.39 2.31 18.38
C ASP D 224 9.76 3.46 17.63
N THR D 225 9.13 3.16 16.50
CA THR D 225 8.16 4.06 15.91
C THR D 225 6.95 4.19 16.82
N GLN D 226 6.36 5.38 16.86
CA GLN D 226 5.11 5.61 17.55
C GLN D 226 4.09 6.13 16.55
N THR D 227 2.98 5.39 16.41
CA THR D 227 1.89 5.65 15.45
C THR D 227 2.39 5.83 14.01
N VAL E 13 5.49 -28.84 -21.09
CA VAL E 13 6.15 -28.00 -22.09
C VAL E 13 5.09 -27.09 -22.73
N GLN E 14 4.33 -27.66 -23.68
CA GLN E 14 3.24 -26.94 -24.33
C GLN E 14 2.00 -27.80 -24.52
N GLN E 15 1.98 -29.04 -24.03
CA GLN E 15 0.80 -29.88 -24.05
C GLN E 15 0.69 -30.58 -22.69
N ILE E 16 0.74 -29.80 -21.62
CA ILE E 16 0.73 -30.35 -20.26
C ILE E 16 -0.63 -30.98 -19.98
N THR E 17 -0.66 -32.30 -19.92
CA THR E 17 -1.88 -33.06 -19.71
C THR E 17 -1.92 -33.53 -18.26
N LEU E 18 -2.98 -33.16 -17.55
CA LEU E 18 -3.13 -33.54 -16.15
C LEU E 18 -4.55 -34.06 -16.01
N GLY E 19 -4.70 -35.37 -15.90
CA GLY E 19 -6.02 -35.97 -15.95
C GLY E 19 -6.53 -36.03 -17.37
N ASN E 20 -7.82 -35.76 -17.57
CA ASN E 20 -8.38 -35.60 -18.90
C ASN E 20 -8.36 -34.15 -19.38
N SER E 21 -7.60 -33.29 -18.72
CA SER E 21 -7.43 -31.90 -19.09
C SER E 21 -6.08 -31.71 -19.74
N THR E 22 -5.97 -30.68 -20.58
CA THR E 22 -4.72 -30.35 -21.25
C THR E 22 -4.71 -28.85 -21.46
N ILE E 23 -3.59 -28.20 -21.15
CA ILE E 23 -3.41 -26.79 -21.41
C ILE E 23 -2.14 -26.59 -22.21
N THR E 24 -2.07 -25.46 -22.91
CA THR E 24 -0.92 -25.09 -23.72
C THR E 24 -0.32 -23.81 -23.14
N THR E 25 0.97 -23.84 -22.84
CA THR E 25 1.57 -22.78 -22.05
C THR E 25 3.03 -22.56 -22.44
N GLN E 26 3.65 -21.58 -21.79
CA GLN E 26 5.07 -21.27 -21.98
C GLN E 26 5.75 -21.11 -20.63
N GLU E 27 6.97 -21.65 -20.52
CA GLU E 27 7.76 -21.53 -19.31
C GLU E 27 9.24 -21.65 -19.63
N ALA E 28 10.07 -20.87 -18.94
CA ALA E 28 11.52 -21.06 -18.86
C ALA E 28 12.02 -21.05 -17.42
N ALA E 29 11.49 -20.16 -16.59
CA ALA E 29 11.63 -20.20 -15.14
C ALA E 29 10.33 -19.76 -14.49
N ASN E 30 9.21 -20.06 -15.16
CA ASN E 30 7.95 -19.37 -14.89
C ASN E 30 7.35 -19.77 -13.55
N ALA E 31 7.57 -21.01 -13.11
CA ALA E 31 6.98 -21.49 -11.88
C ALA E 31 7.61 -20.80 -10.68
N VAL E 32 6.78 -20.16 -9.86
CA VAL E 32 7.22 -19.54 -8.62
C VAL E 32 6.79 -20.50 -7.51
N VAL E 33 7.72 -21.35 -7.08
CA VAL E 33 7.46 -22.22 -5.93
C VAL E 33 7.55 -21.35 -4.68
N CYS E 34 6.47 -21.29 -3.92
CA CYS E 34 6.35 -20.35 -2.82
C CYS E 34 7.26 -20.76 -1.67
N TYR E 35 8.14 -19.84 -1.28
CA TYR E 35 9.06 -19.99 -0.14
C TYR E 35 10.02 -21.17 -0.33
N ALA E 36 10.28 -21.50 -1.60
CA ALA E 36 11.15 -22.60 -2.03
C ALA E 36 10.75 -23.94 -1.41
N GLU E 37 9.45 -24.16 -1.23
CA GLU E 37 8.96 -25.40 -0.64
C GLU E 37 7.93 -25.99 -1.59
N TRP E 38 8.30 -27.08 -2.24
CA TRP E 38 7.41 -27.77 -3.15
C TRP E 38 6.30 -28.45 -2.34
N PRO E 39 5.06 -28.45 -2.83
CA PRO E 39 3.99 -29.13 -2.10
C PRO E 39 4.18 -30.64 -2.10
N GLU E 40 3.94 -31.25 -0.94
CA GLU E 40 4.27 -32.64 -0.71
C GLU E 40 3.35 -33.16 0.38
N TYR E 41 3.12 -34.48 0.37
CA TYR E 41 2.23 -35.13 1.32
C TYR E 41 2.79 -35.05 2.74
N LEU E 42 1.91 -35.23 3.73
CA LEU E 42 2.40 -35.26 5.10
C LEU E 42 2.97 -36.63 5.47
N ASP E 57 -1.34 -36.25 -6.08
CA ASP E 57 -1.82 -36.32 -7.45
C ASP E 57 -2.64 -37.58 -7.73
N THR E 58 -3.06 -37.73 -8.99
CA THR E 58 -3.76 -38.88 -9.56
C THR E 58 -5.13 -39.15 -8.93
N SER E 59 -5.67 -38.23 -8.13
CA SER E 59 -7.01 -38.38 -7.59
C SER E 59 -7.93 -37.26 -8.05
N VAL E 60 -7.60 -36.00 -7.74
CA VAL E 60 -8.33 -34.82 -8.17
C VAL E 60 -7.41 -33.85 -8.91
N CYS E 61 -6.22 -34.30 -9.26
CA CYS E 61 -5.20 -33.44 -9.85
C CYS E 61 -5.49 -33.30 -11.34
N ARG E 62 -6.19 -32.22 -11.68
CA ARG E 62 -6.42 -31.84 -13.06
C ARG E 62 -6.49 -30.33 -13.12
N PHE E 63 -6.45 -29.78 -14.32
CA PHE E 63 -6.53 -28.33 -14.48
C PHE E 63 -7.97 -27.89 -14.45
N TYR E 64 -8.32 -27.04 -13.49
CA TYR E 64 -9.61 -26.39 -13.46
C TYR E 64 -9.43 -24.97 -13.96
N THR E 65 -10.09 -24.64 -15.06
CA THR E 65 -9.87 -23.39 -15.79
C THR E 65 -11.06 -22.48 -15.53
N LEU E 66 -10.84 -21.46 -14.73
CA LEU E 66 -11.89 -20.54 -14.32
C LEU E 66 -12.34 -19.68 -15.49
N ASP E 67 -13.48 -19.02 -15.29
CA ASP E 67 -14.04 -18.11 -16.27
C ASP E 67 -13.07 -16.94 -16.48
N SER E 68 -12.81 -16.63 -17.74
CA SER E 68 -11.83 -15.60 -18.05
C SER E 68 -12.36 -14.22 -17.69
N LYS E 69 -11.55 -13.49 -16.95
CA LYS E 69 -11.87 -12.13 -16.56
C LYS E 69 -11.50 -11.17 -17.66
N THR E 70 -12.23 -10.07 -17.75
CA THR E 70 -12.00 -9.08 -18.79
C THR E 70 -11.22 -7.94 -18.17
N TRP E 71 -9.93 -7.87 -18.46
CA TRP E 71 -9.10 -6.76 -18.00
C TRP E 71 -9.32 -5.59 -18.93
N THR E 72 -10.26 -4.74 -18.55
CA THR E 72 -10.49 -3.51 -19.27
C THR E 72 -9.48 -2.46 -18.84
N THR E 73 -9.63 -1.26 -19.37
CA THR E 73 -8.71 -0.18 -19.03
C THR E 73 -8.94 0.36 -17.63
N GLY E 74 -10.14 0.20 -17.07
CA GLY E 74 -10.44 0.69 -15.74
C GLY E 74 -10.63 -0.42 -14.74
N SER E 75 -9.86 -1.49 -14.88
CA SER E 75 -9.91 -2.60 -13.95
C SER E 75 -9.01 -2.32 -12.75
N LYS E 76 -9.48 -2.74 -11.58
CA LYS E 76 -8.73 -2.57 -10.34
C LYS E 76 -8.13 -3.86 -9.82
N GLY E 77 -8.64 -5.01 -10.25
CA GLY E 77 -8.06 -6.27 -9.82
C GLY E 77 -9.08 -7.33 -9.50
N TRP E 78 -8.62 -8.56 -9.26
CA TRP E 78 -9.48 -9.68 -8.94
C TRP E 78 -8.83 -10.48 -7.84
N CYS E 79 -9.64 -11.14 -7.03
CA CYS E 79 -9.15 -11.89 -5.87
C CYS E 79 -9.95 -13.17 -5.75
N TRP E 80 -9.27 -14.31 -5.84
CA TRP E 80 -9.89 -15.60 -5.64
C TRP E 80 -9.35 -16.25 -4.40
N LYS E 81 -10.24 -16.82 -3.60
CA LYS E 81 -9.85 -17.56 -2.41
C LYS E 81 -9.68 -19.02 -2.75
N LEU E 82 -8.64 -19.63 -2.20
CA LEU E 82 -8.44 -21.05 -2.38
C LEU E 82 -8.49 -21.76 -1.03
N PRO E 83 -9.19 -22.90 -0.93
CA PRO E 83 -9.88 -23.72 -1.94
C PRO E 83 -11.26 -23.25 -2.35
N ASP E 84 -11.64 -22.01 -2.05
CA ASP E 84 -12.99 -21.57 -2.32
C ASP E 84 -13.26 -21.36 -3.81
N ALA E 85 -12.22 -21.06 -4.59
CA ALA E 85 -12.41 -20.92 -6.03
C ALA E 85 -12.70 -22.25 -6.71
N LEU E 86 -12.37 -23.36 -6.07
CA LEU E 86 -12.54 -24.69 -6.64
C LEU E 86 -13.61 -25.48 -5.91
N LYS E 87 -14.62 -24.80 -5.36
CA LYS E 87 -15.58 -25.49 -4.51
C LYS E 87 -16.70 -26.15 -5.28
N ASP E 88 -16.90 -25.75 -6.54
CA ASP E 88 -17.90 -26.39 -7.38
C ASP E 88 -17.25 -27.13 -8.54
N MET E 89 -15.95 -27.37 -8.47
CA MET E 89 -15.16 -27.85 -9.60
C MET E 89 -15.03 -29.37 -9.57
N GLY E 90 -16.13 -30.03 -9.86
CA GLY E 90 -16.08 -31.45 -10.18
C GLY E 90 -15.77 -32.32 -8.98
N VAL E 91 -14.81 -33.22 -9.17
CA VAL E 91 -14.43 -34.20 -8.16
C VAL E 91 -13.71 -33.52 -6.98
N PHE E 92 -12.98 -32.43 -7.24
CA PHE E 92 -12.34 -31.68 -6.17
C PHE E 92 -13.37 -31.00 -5.28
N GLY E 93 -14.33 -30.30 -5.89
CA GLY E 93 -15.37 -29.66 -5.11
C GLY E 93 -16.35 -30.63 -4.49
N GLN E 94 -16.46 -31.83 -5.06
CA GLN E 94 -17.26 -32.88 -4.43
C GLN E 94 -16.57 -33.39 -3.17
N ASN E 95 -15.28 -33.72 -3.27
CA ASN E 95 -14.52 -34.20 -2.12
C ASN E 95 -14.26 -33.10 -1.10
N MET E 96 -14.39 -31.84 -1.48
CA MET E 96 -14.22 -30.73 -0.55
C MET E 96 -15.39 -30.64 0.41
N PHE E 97 -16.59 -30.92 -0.05
CA PHE E 97 -17.77 -30.91 0.81
C PHE E 97 -18.12 -32.27 1.38
N PHE E 98 -17.63 -33.35 0.76
CA PHE E 98 -17.81 -34.69 1.31
C PHE E 98 -16.95 -34.87 2.55
N HIS E 99 -15.65 -34.65 2.43
CA HIS E 99 -14.73 -34.73 3.55
C HIS E 99 -14.68 -33.41 4.29
N SER E 100 -14.63 -33.47 5.62
CA SER E 100 -14.48 -32.26 6.41
C SER E 100 -13.07 -31.70 6.26
N LEU E 101 -12.07 -32.47 6.68
CA LEU E 101 -10.70 -32.00 6.71
C LEU E 101 -10.01 -32.31 5.38
N GLY E 102 -9.17 -31.38 4.94
CA GLY E 102 -8.41 -31.58 3.73
C GLY E 102 -7.12 -30.78 3.76
N ARG E 103 -6.28 -31.03 2.76
CA ARG E 103 -4.94 -30.47 2.72
C ARG E 103 -4.49 -30.46 1.27
N SER E 104 -4.41 -29.28 0.66
CA SER E 104 -4.09 -29.22 -0.76
C SER E 104 -3.07 -28.14 -1.03
N GLY E 105 -2.16 -28.42 -1.95
CA GLY E 105 -1.35 -27.41 -2.59
C GLY E 105 -1.88 -27.11 -3.97
N TYR E 106 -1.36 -26.06 -4.60
CA TYR E 106 -1.91 -25.59 -5.85
C TYR E 106 -0.79 -25.25 -6.82
N THR E 107 -1.13 -25.33 -8.12
CA THR E 107 -0.31 -24.77 -9.19
C THR E 107 -1.22 -23.84 -9.97
N VAL E 108 -1.03 -22.53 -9.81
CA VAL E 108 -1.90 -21.54 -10.41
C VAL E 108 -1.21 -20.94 -11.61
N HIS E 109 -1.80 -21.15 -12.79
CA HIS E 109 -1.38 -20.51 -14.02
C HIS E 109 -2.29 -19.32 -14.29
N VAL E 110 -1.73 -18.13 -14.36
CA VAL E 110 -2.49 -16.95 -14.76
C VAL E 110 -1.93 -16.50 -16.10
N GLN E 111 -2.74 -16.56 -17.14
CA GLN E 111 -2.31 -16.29 -18.50
C GLN E 111 -3.16 -15.17 -19.07
N CYS E 112 -2.51 -14.12 -19.54
CA CYS E 112 -3.18 -12.96 -20.11
C CYS E 112 -2.72 -12.85 -21.54
N ASN E 113 -3.38 -13.56 -22.46
CA ASN E 113 -2.98 -13.56 -23.86
C ASN E 113 -3.23 -12.20 -24.50
N ALA E 114 -2.25 -11.75 -25.27
CA ALA E 114 -2.29 -10.42 -25.87
C ALA E 114 -1.44 -10.42 -27.13
N THR E 115 -1.53 -9.32 -27.86
CA THR E 115 -0.65 -9.09 -29.01
C THR E 115 0.68 -8.54 -28.51
N LYS E 116 1.51 -8.09 -29.45
CA LYS E 116 2.73 -7.35 -29.13
C LYS E 116 2.50 -5.84 -29.23
N PHE E 117 1.25 -5.42 -29.10
CA PHE E 117 0.87 -4.02 -29.10
C PHE E 117 0.29 -3.56 -27.79
N HIS E 118 -0.14 -4.48 -26.93
CA HIS E 118 -0.63 -4.13 -25.61
C HIS E 118 0.53 -3.87 -24.66
N SER E 119 0.32 -2.94 -23.76
CA SER E 119 1.21 -2.71 -22.64
C SER E 119 0.43 -2.95 -21.35
N GLY E 120 1.06 -2.68 -20.22
CA GLY E 120 0.41 -2.92 -18.96
C GLY E 120 1.10 -4.01 -18.19
N CYS E 121 0.79 -4.11 -16.91
CA CYS E 121 1.50 -5.02 -16.02
C CYS E 121 0.53 -5.53 -14.97
N LEU E 122 0.48 -6.84 -14.81
CA LEU E 122 -0.29 -7.47 -13.74
C LEU E 122 0.64 -7.96 -12.65
N LEU E 123 0.17 -7.84 -11.41
CA LEU E 123 0.84 -8.45 -10.27
C LEU E 123 -0.01 -9.64 -9.83
N VAL E 124 0.46 -10.84 -10.14
CA VAL E 124 -0.19 -12.06 -9.71
C VAL E 124 0.45 -12.48 -8.41
N VAL E 125 -0.25 -12.31 -7.30
CA VAL E 125 0.31 -12.51 -5.97
C VAL E 125 -0.52 -13.55 -5.23
N VAL E 126 0.13 -14.35 -4.41
CA VAL E 126 -0.53 -15.34 -3.57
C VAL E 126 -0.27 -14.98 -2.12
N ILE E 127 -1.34 -14.73 -1.38
CA ILE E 127 -1.27 -14.21 -0.02
C ILE E 127 -1.79 -15.29 0.92
N PRO E 128 -0.94 -15.89 1.76
CA PRO E 128 -1.44 -16.83 2.77
C PRO E 128 -2.18 -16.09 3.87
N GLU E 129 -3.37 -16.61 4.22
CA GLU E 129 -4.24 -16.10 5.27
C GLU E 129 -4.62 -14.63 5.04
N HIS E 130 -5.09 -14.34 3.84
CA HIS E 130 -5.46 -12.98 3.48
C HIS E 130 -6.77 -12.63 4.16
N GLN E 131 -6.67 -12.22 5.42
CA GLN E 131 -7.83 -11.74 6.14
C GLN E 131 -8.23 -10.37 5.63
N LEU E 132 -9.46 -10.25 5.14
CA LEU E 132 -9.93 -9.06 4.47
C LEU E 132 -10.46 -8.05 5.47
N ALA E 133 -10.51 -6.79 5.03
CA ALA E 133 -11.02 -5.70 5.84
C ALA E 133 -12.40 -5.31 5.36
N SER E 134 -13.31 -5.10 6.30
CA SER E 134 -14.65 -4.64 5.93
C SER E 134 -14.61 -3.15 5.63
N HIS E 135 -15.53 -2.73 4.77
CA HIS E 135 -15.58 -1.34 4.32
C HIS E 135 -16.36 -0.45 5.26
N GLU E 136 -16.78 -0.95 6.41
CA GLU E 136 -17.48 -0.15 7.39
C GLU E 136 -16.65 0.17 8.62
N GLY E 137 -15.53 -0.53 8.83
CA GLY E 137 -14.64 -0.23 9.93
C GLY E 137 -15.18 -0.71 11.28
N GLY E 138 -14.33 -0.58 12.29
CA GLY E 138 -14.70 -1.02 13.63
C GLY E 138 -14.73 -2.53 13.73
N ASN E 139 -15.66 -3.02 14.54
CA ASN E 139 -15.86 -4.46 14.71
C ASN E 139 -16.72 -5.08 13.62
N VAL E 140 -17.04 -4.34 12.57
CA VAL E 140 -17.82 -4.90 11.46
C VAL E 140 -16.99 -5.92 10.72
N SER E 141 -17.52 -7.12 10.57
CA SER E 141 -16.83 -8.20 9.90
C SER E 141 -17.45 -8.44 8.53
N VAL E 142 -16.70 -9.15 7.69
CA VAL E 142 -17.13 -9.42 6.32
C VAL E 142 -17.93 -10.71 6.33
N LYS E 143 -19.04 -10.72 5.58
CA LYS E 143 -19.98 -11.84 5.60
C LYS E 143 -19.43 -13.03 4.81
N TYR E 144 -20.01 -14.20 5.07
CA TYR E 144 -19.57 -15.44 4.43
C TYR E 144 -19.86 -15.45 2.93
N THR E 145 -20.85 -14.65 2.49
CA THR E 145 -21.13 -14.48 1.07
C THR E 145 -19.93 -13.88 0.34
N PHE E 146 -19.16 -13.02 1.01
CA PHE E 146 -18.11 -12.25 0.39
C PHE E 146 -16.71 -12.77 0.70
N THR E 147 -16.52 -13.39 1.86
CA THR E 147 -15.25 -14.05 2.15
C THR E 147 -15.10 -15.36 1.39
N HIS E 148 -16.20 -15.92 0.90
CA HIS E 148 -16.21 -17.12 0.08
C HIS E 148 -16.99 -16.83 -1.20
N PRO E 149 -16.38 -16.17 -2.18
CA PRO E 149 -17.10 -15.77 -3.39
C PRO E 149 -17.08 -16.81 -4.52
N GLY E 150 -16.28 -17.86 -4.39
CA GLY E 150 -16.30 -18.94 -5.37
C GLY E 150 -15.45 -18.71 -6.60
N GLU E 151 -15.92 -19.28 -7.72
CA GLU E 151 -15.27 -19.13 -9.01
C GLU E 151 -15.30 -17.69 -9.49
N ARG E 152 -16.33 -16.94 -9.10
CA ARG E 152 -16.47 -15.53 -9.47
C ARG E 152 -15.34 -14.68 -8.90
N GLY E 153 -14.92 -14.98 -7.68
CA GLY E 153 -13.93 -14.18 -7.01
C GLY E 153 -14.51 -12.85 -6.55
N ILE E 154 -13.62 -11.95 -6.17
CA ILE E 154 -13.97 -10.60 -5.76
C ILE E 154 -13.54 -9.65 -6.86
N ASP E 155 -14.51 -8.97 -7.45
CA ASP E 155 -14.23 -7.93 -8.43
C ASP E 155 -13.88 -6.65 -7.67
N LEU E 156 -12.59 -6.32 -7.64
CA LEU E 156 -12.11 -5.19 -6.84
C LEU E 156 -12.46 -3.84 -7.43
N SER E 157 -12.95 -3.81 -8.67
CA SER E 157 -13.37 -2.57 -9.33
C SER E 157 -14.86 -2.30 -9.16
N SER E 158 -15.57 -3.13 -8.41
CA SER E 158 -17.00 -2.95 -8.21
C SER E 158 -17.27 -2.16 -6.94
N ALA E 159 -18.56 -1.93 -6.66
CA ALA E 159 -18.98 -1.12 -5.54
C ALA E 159 -19.05 -1.96 -4.27
N ASN E 160 -18.75 -1.31 -3.14
CA ASN E 160 -18.82 -1.98 -1.85
C ASN E 160 -20.26 -2.27 -1.47
N GLU E 161 -20.56 -3.53 -1.21
CA GLU E 161 -21.88 -3.96 -0.81
C GLU E 161 -21.93 -4.12 0.71
N VAL E 162 -23.15 -4.22 1.24
CA VAL E 162 -23.35 -4.22 2.68
C VAL E 162 -22.92 -5.57 3.25
N GLY E 163 -21.85 -5.58 4.02
CA GLY E 163 -21.27 -6.79 4.54
C GLY E 163 -20.07 -7.31 3.79
N GLY E 164 -19.68 -6.64 2.71
CA GLY E 164 -18.56 -7.08 1.91
C GLY E 164 -17.25 -6.51 2.38
N PRO E 165 -16.16 -6.91 1.73
CA PRO E 165 -14.85 -6.39 2.10
C PRO E 165 -14.65 -5.01 1.50
N VAL E 166 -13.65 -4.32 2.02
CA VAL E 166 -13.25 -3.09 1.35
C VAL E 166 -12.47 -3.48 0.10
N LYS E 167 -12.65 -2.71 -0.97
CA LYS E 167 -12.07 -3.07 -2.26
C LYS E 167 -11.00 -2.08 -2.70
N ASP E 168 -10.52 -1.24 -1.80
CA ASP E 168 -9.50 -0.26 -2.14
C ASP E 168 -8.18 -0.98 -2.33
N VAL E 169 -7.70 -1.02 -3.57
CA VAL E 169 -6.63 -1.94 -3.96
C VAL E 169 -5.28 -1.47 -3.47
N ILE E 170 -5.13 -0.16 -3.22
CA ILE E 170 -3.89 0.41 -2.70
C ILE E 170 -3.56 -0.16 -1.33
N TYR E 171 -4.56 -0.51 -0.54
CA TYR E 171 -4.31 -1.06 0.79
C TYR E 171 -4.55 -2.56 0.86
N ASN E 172 -4.58 -3.24 -0.30
CA ASN E 172 -4.57 -4.70 -0.44
C ASN E 172 -5.73 -5.39 0.25
N MET E 173 -6.83 -4.66 0.48
CA MET E 173 -8.02 -5.08 1.22
C MET E 173 -7.73 -5.47 2.66
N ASN E 174 -6.55 -5.13 3.21
CA ASN E 174 -6.23 -5.48 4.58
C ASN E 174 -5.43 -4.41 5.33
N GLY E 175 -5.34 -3.19 4.78
CA GLY E 175 -4.66 -2.12 5.47
C GLY E 175 -3.17 -2.06 5.28
N THR E 176 -2.61 -2.85 4.37
CA THR E 176 -1.19 -2.87 4.06
C THR E 176 -1.00 -2.47 2.61
N LEU E 177 0.00 -1.62 2.33
CA LEU E 177 0.13 -0.99 1.02
C LEU E 177 0.45 -1.97 -0.10
N LEU E 178 0.06 -1.57 -1.32
CA LEU E 178 0.16 -2.43 -2.50
C LEU E 178 1.60 -2.68 -2.92
N GLY E 179 2.50 -1.73 -2.66
CA GLY E 179 3.88 -1.94 -3.03
C GLY E 179 4.57 -3.02 -2.22
N ASN E 180 4.16 -3.18 -0.98
CA ASN E 180 4.74 -4.17 -0.08
C ASN E 180 4.15 -5.55 -0.27
N LEU E 181 3.36 -5.76 -1.32
CA LEU E 181 2.72 -7.03 -1.60
C LEU E 181 3.66 -8.00 -2.29
N LEU E 182 4.89 -7.60 -2.54
CA LEU E 182 5.85 -8.44 -3.22
C LEU E 182 6.64 -9.32 -2.25
N ILE E 183 6.43 -9.14 -0.94
CA ILE E 183 6.99 -10.06 0.05
C ILE E 183 6.25 -11.39 0.01
N PHE E 184 5.00 -11.39 -0.43
CA PHE E 184 4.28 -12.62 -0.67
C PHE E 184 4.80 -13.23 -1.96
N PRO E 185 4.63 -14.55 -2.16
CA PRO E 185 5.06 -15.15 -3.42
C PRO E 185 4.25 -14.67 -4.61
N HIS E 186 4.90 -13.91 -5.47
CA HIS E 186 4.24 -13.17 -6.52
C HIS E 186 4.92 -13.47 -7.84
N GLN E 187 4.35 -12.93 -8.92
CA GLN E 187 4.97 -12.94 -10.23
C GLN E 187 4.30 -11.86 -11.07
N PHE E 188 5.09 -11.12 -11.81
CA PHE E 188 4.55 -10.10 -12.70
C PHE E 188 4.19 -10.70 -14.06
N ILE E 189 3.11 -10.19 -14.63
CA ILE E 189 2.84 -10.38 -16.04
C ILE E 189 3.04 -9.03 -16.71
N ASN E 190 4.24 -8.80 -17.23
CA ASN E 190 4.52 -7.63 -18.03
C ASN E 190 4.26 -8.03 -19.47
N LEU E 191 3.21 -7.45 -20.08
CA LEU E 191 2.79 -7.83 -21.42
C LEU E 191 3.82 -7.48 -22.48
N ARG E 192 4.73 -6.56 -22.17
CA ARG E 192 5.92 -6.37 -22.97
C ARG E 192 6.77 -7.62 -23.02
N THR E 193 6.94 -8.29 -21.87
CA THR E 193 7.89 -9.38 -21.72
C THR E 193 7.24 -10.76 -21.88
N ASN E 194 6.23 -11.04 -21.07
CA ASN E 194 5.60 -12.36 -21.05
C ASN E 194 4.08 -12.19 -21.03
N ASN E 195 3.38 -13.30 -20.93
CA ASN E 195 1.93 -13.25 -20.75
C ASN E 195 1.42 -14.24 -19.73
N THR E 196 2.28 -15.08 -19.15
CA THR E 196 1.90 -16.11 -18.22
C THR E 196 2.58 -15.90 -16.88
N ALA E 197 1.92 -16.35 -15.82
CA ALA E 197 2.51 -16.43 -14.50
C ALA E 197 2.11 -17.75 -13.87
N THR E 198 3.08 -18.52 -13.42
CA THR E 198 2.82 -19.78 -12.72
C THR E 198 3.34 -19.67 -11.30
N ILE E 199 2.48 -19.93 -10.33
CA ILE E 199 2.86 -19.89 -8.92
C ILE E 199 2.46 -21.22 -8.29
N VAL E 200 3.44 -22.00 -7.87
CA VAL E 200 3.22 -23.31 -7.28
C VAL E 200 3.06 -23.13 -5.77
N ILE E 201 1.83 -23.25 -5.29
CA ILE E 201 1.49 -22.97 -3.90
C ILE E 201 1.56 -24.26 -3.10
N PRO E 202 2.25 -24.30 -1.97
CA PRO E 202 2.14 -25.47 -1.10
C PRO E 202 0.98 -25.33 -0.13
N TYR E 203 0.84 -26.29 0.77
CA TYR E 203 -0.13 -26.17 1.85
C TYR E 203 0.50 -25.34 2.95
N ILE E 204 -0.04 -24.15 3.18
CA ILE E 204 0.46 -23.22 4.18
C ILE E 204 -0.62 -23.09 5.23
N ASN E 205 -0.41 -23.70 6.39
CA ASN E 205 -1.31 -23.52 7.52
C ASN E 205 -0.54 -23.88 8.79
N SER E 206 -1.07 -23.43 9.92
CA SER E 206 -0.52 -23.73 11.24
C SER E 206 -1.05 -25.04 11.81
N VAL E 207 -1.96 -25.70 11.11
CA VAL E 207 -2.44 -27.03 11.48
C VAL E 207 -2.08 -27.97 10.34
N PRO E 208 -1.90 -29.27 10.62
CA PRO E 208 -1.52 -30.19 9.53
C PRO E 208 -2.65 -30.49 8.56
N ILE E 209 -3.89 -30.35 8.98
CA ILE E 209 -5.05 -30.56 8.12
C ILE E 209 -6.17 -29.72 8.69
N ASP E 210 -7.06 -29.25 7.81
CA ASP E 210 -8.04 -28.26 8.25
C ASP E 210 -9.28 -28.39 7.38
N SER E 211 -10.37 -27.80 7.84
CA SER E 211 -11.62 -27.81 7.10
C SER E 211 -11.51 -26.86 5.92
N MET E 212 -11.65 -27.40 4.71
CA MET E 212 -11.48 -26.61 3.50
C MET E 212 -12.67 -25.73 3.19
N THR E 213 -13.80 -25.91 3.86
CA THR E 213 -15.02 -25.21 3.54
C THR E 213 -15.27 -23.97 4.38
N ARG E 214 -14.57 -23.83 5.50
CA ARG E 214 -14.75 -22.68 6.37
C ARG E 214 -13.53 -21.77 6.42
N HIS E 215 -12.42 -22.19 5.83
CA HIS E 215 -11.14 -21.50 5.98
C HIS E 215 -10.38 -21.54 4.67
N ASN E 216 -9.97 -20.36 4.20
CA ASN E 216 -9.24 -20.22 2.95
C ASN E 216 -7.75 -20.14 3.27
N ASN E 217 -6.97 -21.04 2.67
CA ASN E 217 -5.54 -21.07 2.94
C ASN E 217 -4.84 -19.87 2.32
N VAL E 218 -4.94 -19.72 1.01
CA VAL E 218 -4.30 -18.64 0.29
C VAL E 218 -5.38 -17.87 -0.46
N SER E 219 -5.01 -16.69 -0.95
CA SER E 219 -5.85 -15.93 -1.85
C SER E 219 -5.00 -15.50 -3.03
N LEU E 220 -5.40 -15.92 -4.22
CA LEU E 220 -4.78 -15.43 -5.45
C LEU E 220 -5.33 -14.06 -5.78
N MET E 221 -4.46 -13.08 -5.98
CA MET E 221 -4.87 -11.79 -6.48
C MET E 221 -4.18 -11.49 -7.81
N VAL E 222 -4.91 -10.90 -8.73
CA VAL E 222 -4.38 -10.48 -10.03
C VAL E 222 -4.67 -8.99 -10.15
N ILE E 223 -3.64 -8.17 -10.00
CA ILE E 223 -3.80 -6.74 -9.83
C ILE E 223 -3.07 -6.03 -10.97
N PRO E 224 -3.74 -5.20 -11.75
CA PRO E 224 -3.05 -4.37 -12.74
C PRO E 224 -2.36 -3.20 -12.06
N ILE E 225 -1.03 -3.20 -12.09
CA ILE E 225 -0.31 -2.05 -11.54
C ILE E 225 -0.21 -1.00 -12.63
N ALA E 226 0.51 -1.32 -13.69
CA ALA E 226 0.49 -0.46 -14.86
C ALA E 226 -0.79 -0.72 -15.65
N PRO E 227 -1.55 0.32 -15.99
CA PRO E 227 -2.86 0.10 -16.61
C PRO E 227 -2.73 -0.45 -18.02
N LEU E 228 -3.79 -1.10 -18.46
CA LEU E 228 -3.83 -1.67 -19.80
C LEU E 228 -3.99 -0.54 -20.81
N THR E 229 -3.00 -0.38 -21.67
CA THR E 229 -3.09 0.55 -22.78
C THR E 229 -3.17 -0.25 -24.07
N VAL E 230 -4.18 0.03 -24.87
CA VAL E 230 -4.38 -0.63 -26.16
C VAL E 230 -3.99 0.38 -27.24
N PRO E 231 -3.59 -0.06 -28.43
CA PRO E 231 -3.40 0.88 -29.53
C PRO E 231 -4.74 1.37 -30.06
N THR E 232 -4.68 2.42 -30.87
CA THR E 232 -5.86 2.91 -31.55
C THR E 232 -6.28 1.92 -32.63
N GLY E 233 -7.49 1.40 -32.53
CA GLY E 233 -7.94 0.31 -33.38
C GLY E 233 -8.04 -1.01 -32.66
N ALA E 234 -7.71 -1.06 -31.38
CA ALA E 234 -7.84 -2.26 -30.57
C ALA E 234 -8.93 -2.06 -29.53
N THR E 235 -9.54 -3.16 -29.14
CA THR E 235 -10.59 -3.16 -28.13
C THR E 235 -9.97 -2.94 -26.75
N PRO E 236 -10.46 -1.97 -25.95
CA PRO E 236 -9.84 -1.63 -24.66
C PRO E 236 -10.11 -2.65 -23.55
N SER E 237 -9.78 -3.91 -23.81
CA SER E 237 -10.08 -5.00 -22.89
C SER E 237 -9.23 -6.19 -23.29
N LEU E 238 -8.97 -7.05 -22.32
CA LEU E 238 -8.05 -8.15 -22.56
C LEU E 238 -8.35 -9.29 -21.60
N PRO E 239 -8.53 -10.51 -22.10
CA PRO E 239 -8.91 -11.60 -21.19
C PRO E 239 -7.76 -12.10 -20.33
N ILE E 240 -8.11 -12.51 -19.12
CA ILE E 240 -7.18 -13.12 -18.17
C ILE E 240 -7.74 -14.48 -17.78
N THR E 241 -6.95 -15.53 -17.99
CA THR E 241 -7.37 -16.89 -17.70
C THR E 241 -6.59 -17.40 -16.50
N VAL E 242 -7.31 -17.85 -15.49
CA VAL E 242 -6.73 -18.45 -14.29
C VAL E 242 -7.00 -19.94 -14.32
N THR E 243 -5.93 -20.74 -14.26
CA THR E 243 -6.03 -22.20 -14.32
C THR E 243 -5.39 -22.75 -13.06
N ILE E 244 -6.22 -23.27 -12.15
CA ILE E 244 -5.75 -23.74 -10.87
C ILE E 244 -5.75 -25.26 -10.90
N ALA E 245 -4.58 -25.86 -10.68
CA ALA E 245 -4.44 -27.30 -10.59
C ALA E 245 -4.13 -27.67 -9.16
N PRO E 246 -5.06 -28.27 -8.42
CA PRO E 246 -4.74 -28.70 -7.05
C PRO E 246 -3.83 -29.92 -7.07
N MET E 247 -2.72 -29.82 -6.35
CA MET E 247 -1.73 -30.89 -6.31
C MET E 247 -1.43 -31.25 -4.87
N CYS E 248 -1.07 -32.51 -4.67
CA CYS E 248 -0.83 -33.13 -3.35
C CYS E 248 -2.03 -32.93 -2.43
N THR E 249 -3.22 -33.22 -2.95
CA THR E 249 -4.46 -33.00 -2.25
C THR E 249 -4.77 -34.22 -1.40
N GLU E 250 -4.85 -34.01 -0.09
CA GLU E 250 -5.18 -35.04 0.88
C GLU E 250 -6.49 -34.72 1.56
N PHE E 251 -7.15 -35.76 2.05
CA PHE E 251 -8.35 -35.60 2.85
C PHE E 251 -8.24 -36.50 4.07
N SER E 252 -9.19 -36.34 4.97
CA SER E 252 -9.18 -37.07 6.22
C SER E 252 -9.55 -38.54 5.99
N GLY E 253 -9.01 -39.41 6.84
CA GLY E 253 -9.24 -40.84 6.73
C GLY E 253 -10.62 -41.28 7.15
N ILE E 254 -11.33 -40.45 7.92
CA ILE E 254 -12.72 -40.71 8.24
C ILE E 254 -13.58 -40.64 6.98
N ARG E 255 -14.78 -41.23 7.07
CA ARG E 255 -15.77 -41.60 6.05
C ARG E 255 -15.34 -42.78 5.21
N SER E 256 -14.11 -43.27 5.38
CA SER E 256 -13.69 -44.55 4.81
C SER E 256 -12.91 -45.37 5.82
N LYS E 257 -12.63 -44.82 7.00
CA LYS E 257 -12.07 -45.60 8.09
C LYS E 257 -13.11 -46.53 8.67
N SER E 258 -12.70 -47.76 8.95
CA SER E 258 -13.64 -48.78 9.39
C SER E 258 -13.89 -48.69 10.89
N ILE E 259 -15.12 -49.00 11.27
CA ILE E 259 -15.58 -49.01 12.65
C ILE E 259 -15.33 -50.36 13.33
N VAL E 260 -15.17 -51.43 12.55
CA VAL E 260 -15.12 -52.86 12.92
C VAL E 260 -15.95 -53.27 14.13
#